data_8IWP
#
_entry.id   8IWP
#
_cell.length_a   1.00
_cell.length_b   1.00
_cell.length_c   1.00
_cell.angle_alpha   90.00
_cell.angle_beta   90.00
_cell.angle_gamma   90.00
#
_symmetry.space_group_name_H-M   'P 1'
#
loop_
_entity.id
_entity.type
_entity.pdbx_description
1 polymer 'Calcium-transporting ATPase type 2C member 1'
2 non-polymer 'CALCIUM ION'
#
_entity_poly.entity_id   1
_entity_poly.type   'polypeptide(L)'
_entity_poly.pdbx_seq_one_letter_code
;MKVARFQKIPNGENETMIPVLTSKKASELPVSEVASILQADLQNGLNKCEVSHRRAFHGWNEFDISEDEPLWKKYISQFK
NPLIMLLLASAVISVLMHQFDDAVSITVAILIVVTVAFVQEYRSEKSLEELSKLVPPECHCVREGKLEHTLARDLVPGDT
VCLSVGDRVPADLRLFEAVDLSIDESSLTGETTPCSKVTAPQPAATNGDLASRSNIAFMGTLVRCGKAKGVVIGTGENSE
FGEVFKMMQAEEAPKTPLQKSMDLLGKQLSFYSFGIIGIIMLVGWLLGKDILEMFTISVSLAVAAIPEGLPIVVTVTLAL
GVMRMVKKRAIVKKLPIVETLGCCNVICSDKTGTLTKNEMTVTHIFTSDGLHAEVTGVGYNQFGEVIVDGDVVHGFYNPA
VSRIVEAGCVCNDAVIRNNTLMGKPTEGALIALAMKMGLDGLQQDYIRKAEYPFSSEQKWMAVKCVHRTQQDRPEICFMK
GAYEQVIKYCTTYQSKGQTLTLTQQQRDVYQQEKARMGSAGLRVLALASGPELGQLTFLGLVGIIDPPRTGVKEAVTTLI
ASGVSIKMITGDSQETAVAIASRLGLYSKTSQSVSGEEIDAMDVQQLSQIVPKVAVFYRASPRHKMKIIKSLQKNGSVVA
MTGDGVNDAVALKAADIGVAMGQTGTDVCKEAADMILVDDDFQTIMSAIEEGKGIYNNIKNFVRFQLSTSIAALTLISLA
TLMNFPNPLNAMQILWINIIMDGPPAQSLGVEPVDKDVIRKPPRNWKDSILTKNLILKILVSSIIIVCGTLFVFWRELRD
NVITPRDTTMTFTCFVFFDMFNALSSRSQTKSVFEIGLCSNRMFCYAVLGSIMGQLLVIYFPPLQKVFQTESLSILDLLF
LLGLTSSVCIVAEIIKKVERSREKIQKHVSSTSSSFLEV
;
_entity_poly.pdbx_strand_id   A
#
# COMPACT_ATOMS: atom_id res chain seq x y z
N GLU A 15 -38.29 2.47 -30.82
CA GLU A 15 -37.67 1.85 -31.99
C GLU A 15 -37.10 0.48 -31.64
N THR A 16 -37.99 -0.50 -31.43
CA THR A 16 -37.61 -1.86 -31.09
C THR A 16 -36.66 -1.90 -29.90
N MET A 17 -37.15 -1.48 -28.73
CA MET A 17 -36.31 -1.44 -27.54
C MET A 17 -35.78 -2.84 -27.21
N ILE A 18 -34.51 -2.91 -26.81
CA ILE A 18 -33.86 -4.17 -26.53
C ILE A 18 -34.30 -4.69 -25.17
N PRO A 19 -34.93 -5.86 -25.10
CA PRO A 19 -35.34 -6.40 -23.80
C PRO A 19 -34.18 -7.11 -23.11
N VAL A 20 -34.32 -7.26 -21.80
CA VAL A 20 -33.31 -8.00 -21.03
C VAL A 20 -33.64 -9.48 -21.06
N LEU A 21 -32.71 -10.28 -21.59
CA LEU A 21 -32.88 -11.72 -21.68
C LEU A 21 -32.37 -12.37 -20.40
N THR A 22 -33.24 -13.11 -19.72
CA THR A 22 -32.82 -13.82 -18.52
C THR A 22 -31.91 -14.97 -18.89
N SER A 23 -31.20 -15.49 -17.88
CA SER A 23 -30.19 -16.52 -18.12
C SER A 23 -30.80 -17.77 -18.74
N LYS A 24 -31.94 -18.23 -18.23
CA LYS A 24 -32.56 -19.44 -18.75
C LYS A 24 -32.99 -19.25 -20.20
N LYS A 25 -33.65 -18.13 -20.50
CA LYS A 25 -34.09 -17.86 -21.87
C LYS A 25 -32.90 -17.71 -22.80
N ALA A 26 -31.88 -16.95 -22.39
CA ALA A 26 -30.70 -16.79 -23.23
C ALA A 26 -30.00 -18.12 -23.47
N SER A 27 -30.09 -19.05 -22.51
CA SER A 27 -29.51 -20.37 -22.71
C SER A 27 -30.35 -21.24 -23.64
N GLU A 28 -31.68 -21.09 -23.60
CA GLU A 28 -32.54 -22.00 -24.34
C GLU A 28 -32.55 -21.73 -25.85
N LEU A 29 -32.49 -20.45 -26.27
CA LEU A 29 -32.37 -20.22 -27.70
C LEU A 29 -30.91 -20.27 -28.14
N PRO A 30 -30.65 -20.58 -29.41
CA PRO A 30 -29.27 -20.62 -29.89
C PRO A 30 -28.63 -19.25 -29.93
N VAL A 31 -27.37 -19.21 -30.36
CA VAL A 31 -26.60 -17.96 -30.37
C VAL A 31 -27.22 -16.96 -31.34
N SER A 32 -27.62 -17.41 -32.52
CA SER A 32 -28.12 -16.49 -33.54
C SER A 32 -29.38 -15.78 -33.09
N GLU A 33 -30.31 -16.52 -32.47
CA GLU A 33 -31.55 -15.90 -32.00
C GLU A 33 -31.28 -14.89 -30.89
N VAL A 34 -30.38 -15.22 -29.96
CA VAL A 34 -30.04 -14.29 -28.88
C VAL A 34 -29.41 -13.03 -29.45
N ALA A 35 -28.51 -13.18 -30.42
CA ALA A 35 -27.88 -12.02 -31.04
C ALA A 35 -28.89 -11.16 -31.77
N SER A 36 -29.83 -11.80 -32.48
CA SER A 36 -30.87 -11.05 -33.18
C SER A 36 -31.77 -10.29 -32.22
N ILE A 37 -32.13 -10.93 -31.09
CA ILE A 37 -32.98 -10.27 -30.11
C ILE A 37 -32.26 -9.07 -29.50
N LEU A 38 -30.99 -9.23 -29.15
CA LEU A 38 -30.22 -8.16 -28.54
C LEU A 38 -29.65 -7.17 -29.55
N GLN A 39 -29.80 -7.44 -30.85
CA GLN A 39 -29.26 -6.58 -31.90
C GLN A 39 -27.76 -6.37 -31.70
N ALA A 40 -27.06 -7.46 -31.42
CA ALA A 40 -25.65 -7.45 -31.07
C ALA A 40 -24.82 -7.98 -32.23
N ASP A 41 -23.74 -7.29 -32.55
CA ASP A 41 -22.80 -7.73 -33.58
C ASP A 41 -21.73 -8.59 -32.92
N LEU A 42 -21.63 -9.85 -33.34
CA LEU A 42 -20.69 -10.78 -32.73
C LEU A 42 -19.23 -10.43 -33.02
N GLN A 43 -18.96 -9.80 -34.17
CA GLN A 43 -17.59 -9.49 -34.57
C GLN A 43 -17.21 -8.05 -34.30
N ASN A 44 -17.98 -7.09 -34.84
CA ASN A 44 -17.64 -5.68 -34.69
C ASN A 44 -18.10 -5.07 -33.37
N GLY A 45 -18.97 -5.76 -32.63
CA GLY A 45 -19.45 -5.23 -31.37
C GLY A 45 -20.43 -4.08 -31.56
N LEU A 46 -20.52 -3.27 -30.51
CA LEU A 46 -21.43 -2.13 -30.49
C LEU A 46 -20.67 -0.83 -30.70
N ASN A 47 -21.32 0.11 -31.40
CA ASN A 47 -20.77 1.43 -31.61
C ASN A 47 -21.00 2.30 -30.37
N LYS A 48 -20.25 3.41 -30.31
CA LYS A 48 -20.30 4.26 -29.12
C LYS A 48 -21.66 4.91 -28.91
N CYS A 49 -22.31 5.34 -29.99
CA CYS A 49 -23.62 6.00 -29.86
C CYS A 49 -24.67 5.03 -29.33
N GLU A 50 -24.70 3.82 -29.86
CA GLU A 50 -25.66 2.82 -29.37
C GLU A 50 -25.33 2.41 -27.94
N VAL A 51 -24.04 2.34 -27.60
CA VAL A 51 -23.65 2.06 -26.22
C VAL A 51 -24.16 3.14 -25.29
N SER A 52 -24.04 4.41 -25.70
CA SER A 52 -24.55 5.51 -24.88
C SER A 52 -26.07 5.47 -24.78
N HIS A 53 -26.76 5.09 -25.84
CA HIS A 53 -28.22 4.96 -25.78
C HIS A 53 -28.63 3.86 -24.81
N ARG A 54 -27.92 2.73 -24.83
CA ARG A 54 -28.23 1.66 -23.89
C ARG A 54 -27.83 2.04 -22.47
N ARG A 55 -26.84 2.92 -22.32
CA ARG A 55 -26.59 3.53 -21.02
C ARG A 55 -27.79 4.35 -20.57
N ALA A 56 -28.30 5.22 -21.44
CA ALA A 56 -29.44 6.06 -21.09
C ALA A 56 -30.67 5.24 -20.74
N PHE A 57 -30.88 4.11 -21.40
CA PHE A 57 -32.05 3.29 -21.12
C PHE A 57 -31.85 2.35 -19.94
N HIS A 58 -30.83 1.50 -19.98
CA HIS A 58 -30.54 0.56 -18.90
C HIS A 58 -29.83 1.22 -17.71
N GLY A 59 -28.67 1.82 -17.92
CA GLY A 59 -27.96 2.48 -16.84
C GLY A 59 -26.66 1.80 -16.44
N TRP A 60 -26.10 2.29 -15.34
CA TRP A 60 -24.87 1.77 -14.76
C TRP A 60 -24.98 0.29 -14.45
N ASN A 61 -23.92 -0.45 -14.80
CA ASN A 61 -23.81 -1.86 -14.45
C ASN A 61 -23.19 -1.97 -13.04
N GLU A 62 -24.06 -1.80 -12.04
CA GLU A 62 -23.67 -1.79 -10.64
C GLU A 62 -24.92 -1.92 -9.79
N PHE A 63 -24.80 -2.66 -8.70
CA PHE A 63 -25.97 -3.00 -7.88
C PHE A 63 -26.58 -1.75 -7.26
N ASP A 64 -27.91 -1.68 -7.30
CA ASP A 64 -28.63 -0.51 -6.81
C ASP A 64 -28.26 -0.23 -5.36
N ILE A 65 -27.90 1.03 -5.08
CA ILE A 65 -27.45 1.42 -3.75
C ILE A 65 -28.63 1.48 -2.81
N SER A 66 -28.36 1.38 -1.51
CA SER A 66 -29.37 1.52 -0.47
C SER A 66 -29.35 2.98 -0.02
N GLU A 67 -30.52 3.62 -0.07
CA GLU A 67 -30.62 5.04 0.28
C GLU A 67 -30.20 5.27 1.73
N ASP A 68 -29.30 6.21 1.93
CA ASP A 68 -28.78 6.54 3.24
C ASP A 68 -29.67 7.58 3.90
N GLU A 69 -29.75 7.53 5.23
CA GLU A 69 -30.58 8.45 5.99
C GLU A 69 -30.05 9.87 5.86
N PRO A 70 -30.94 10.87 5.81
CA PRO A 70 -30.46 12.27 5.68
C PRO A 70 -29.76 12.76 6.93
N LEU A 71 -29.33 14.03 6.91
CA LEU A 71 -28.55 14.57 8.01
C LEU A 71 -29.36 14.70 9.29
N TRP A 72 -30.67 14.95 9.18
CA TRP A 72 -31.47 15.16 10.38
C TRP A 72 -31.76 13.84 11.10
N LYS A 73 -31.78 12.71 10.39
CA LYS A 73 -31.80 11.42 11.06
C LYS A 73 -30.61 11.27 12.00
N LYS A 74 -29.41 11.55 11.52
CA LYS A 74 -28.23 11.45 12.36
C LYS A 74 -28.22 12.52 13.45
N TYR A 75 -28.74 13.71 13.15
CA TYR A 75 -28.82 14.76 14.17
C TYR A 75 -29.71 14.33 15.33
N ILE A 76 -30.86 13.72 15.03
CA ILE A 76 -31.72 13.20 16.08
C ILE A 76 -31.08 12.00 16.78
N SER A 77 -30.38 11.15 16.02
CA SER A 77 -29.83 9.92 16.57
C SER A 77 -28.77 10.16 17.64
N GLN A 78 -28.19 11.37 17.70
CA GLN A 78 -27.19 11.69 18.70
C GLN A 78 -27.81 12.08 20.03
N PHE A 79 -29.14 12.10 20.12
CA PHE A 79 -29.83 12.23 21.40
C PHE A 79 -29.83 10.92 22.18
N LYS A 80 -29.24 9.86 21.62
CA LYS A 80 -28.99 8.61 22.32
C LYS A 80 -27.75 8.78 23.19
N ASN A 81 -27.17 7.66 23.68
CA ASN A 81 -26.07 7.64 24.65
C ASN A 81 -26.43 8.59 25.79
N PRO A 82 -27.28 8.13 26.72
CA PRO A 82 -28.13 9.06 27.48
C PRO A 82 -27.41 9.97 28.47
N LEU A 83 -26.08 10.04 28.41
CA LEU A 83 -25.39 11.09 29.16
C LEU A 83 -25.96 12.46 28.80
N ILE A 84 -26.19 12.70 27.51
CA ILE A 84 -26.89 13.91 27.08
C ILE A 84 -28.31 13.93 27.65
N MET A 85 -28.92 12.76 27.86
CA MET A 85 -30.26 12.73 28.42
C MET A 85 -30.29 13.24 29.86
N LEU A 86 -29.33 12.80 30.69
CA LEU A 86 -29.27 13.37 32.04
C LEU A 86 -28.81 14.83 32.02
N LEU A 87 -28.00 15.23 31.05
CA LEU A 87 -27.67 16.65 30.94
C LEU A 87 -28.91 17.49 30.65
N LEU A 88 -29.76 17.02 29.74
CA LEU A 88 -31.02 17.71 29.46
C LEU A 88 -31.97 17.64 30.64
N ALA A 89 -31.95 16.54 31.40
CA ALA A 89 -32.75 16.44 32.61
C ALA A 89 -32.32 17.49 33.64
N SER A 90 -31.00 17.67 33.80
CA SER A 90 -30.51 18.73 34.67
C SER A 90 -30.91 20.11 34.15
N ALA A 91 -30.86 20.30 32.83
CA ALA A 91 -31.26 21.58 32.25
C ALA A 91 -32.72 21.89 32.55
N VAL A 92 -33.61 20.92 32.33
CA VAL A 92 -35.02 21.15 32.61
C VAL A 92 -35.31 21.26 34.11
N ILE A 93 -34.54 20.57 34.95
CA ILE A 93 -34.69 20.73 36.39
C ILE A 93 -34.33 22.15 36.79
N SER A 94 -33.23 22.68 36.25
CA SER A 94 -32.86 24.08 36.49
C SER A 94 -33.92 25.03 35.94
N VAL A 95 -34.56 24.67 34.83
CA VAL A 95 -35.66 25.46 34.31
C VAL A 95 -36.81 25.51 35.32
N LEU A 96 -37.16 24.36 35.88
CA LEU A 96 -38.20 24.32 36.91
C LEU A 96 -37.76 24.94 38.22
N MET A 97 -36.45 25.09 38.43
CA MET A 97 -35.92 25.69 39.64
C MET A 97 -35.71 27.21 39.50
N HIS A 98 -36.14 27.78 38.37
CA HIS A 98 -36.12 29.24 38.16
C HIS A 98 -34.70 29.79 38.12
N GLN A 99 -33.82 29.12 37.38
CA GLN A 99 -32.49 29.64 37.05
C GLN A 99 -32.34 29.54 35.54
N PHE A 100 -32.81 30.57 34.83
CA PHE A 100 -32.82 30.55 33.37
C PHE A 100 -31.43 30.67 32.77
N ASP A 101 -30.53 31.42 33.40
CA ASP A 101 -29.21 31.67 32.81
C ASP A 101 -28.41 30.37 32.71
N ASP A 102 -28.33 29.62 33.81
CA ASP A 102 -27.58 28.36 33.78
C ASP A 102 -28.20 27.35 32.84
N ALA A 103 -29.53 27.27 32.82
CA ALA A 103 -30.21 26.34 31.93
C ALA A 103 -29.95 26.68 30.47
N VAL A 104 -30.04 27.96 30.10
CA VAL A 104 -29.79 28.34 28.71
C VAL A 104 -28.31 28.15 28.36
N SER A 105 -27.40 28.38 29.31
CA SER A 105 -25.99 28.16 29.04
C SER A 105 -25.68 26.69 28.79
N ILE A 106 -26.23 25.81 29.62
CA ILE A 106 -25.99 24.38 29.43
C ILE A 106 -26.69 23.89 28.17
N THR A 107 -27.83 24.49 27.80
CA THR A 107 -28.48 24.14 26.55
C THR A 107 -27.62 24.53 25.35
N VAL A 108 -27.03 25.73 25.39
CA VAL A 108 -26.17 26.18 24.30
C VAL A 108 -24.95 25.28 24.20
N ALA A 109 -24.36 24.91 25.34
CA ALA A 109 -23.24 23.98 25.34
C ALA A 109 -23.63 22.63 24.77
N ILE A 110 -24.84 22.16 25.09
CA ILE A 110 -25.33 20.89 24.55
C ILE A 110 -25.45 20.98 23.03
N LEU A 111 -26.02 22.07 22.53
CA LEU A 111 -26.15 22.23 21.08
C LEU A 111 -24.80 22.26 20.39
N ILE A 112 -23.82 22.96 21.00
CA ILE A 112 -22.48 22.99 20.44
C ILE A 112 -21.88 21.59 20.41
N VAL A 113 -22.06 20.82 21.50
CA VAL A 113 -21.49 19.48 21.58
C VAL A 113 -22.09 18.58 20.50
N VAL A 114 -23.42 18.61 20.36
CA VAL A 114 -24.05 17.78 19.33
C VAL A 114 -23.66 18.23 17.93
N THR A 115 -23.50 19.54 17.71
CA THR A 115 -23.05 20.00 16.39
C THR A 115 -21.67 19.47 16.06
N VAL A 116 -20.74 19.56 17.01
CA VAL A 116 -19.37 19.09 16.77
C VAL A 116 -19.34 17.58 16.57
N ALA A 117 -20.11 16.85 17.39
CA ALA A 117 -20.22 15.41 17.20
C ALA A 117 -20.80 15.07 15.84
N PHE A 118 -21.76 15.87 15.37
CA PHE A 118 -22.35 15.66 14.05
C PHE A 118 -21.31 15.86 12.95
N VAL A 119 -20.49 16.91 13.05
CA VAL A 119 -19.45 17.13 12.04
C VAL A 119 -18.45 15.98 12.06
N GLN A 120 -18.04 15.55 13.26
CA GLN A 120 -17.08 14.44 13.35
C GLN A 120 -17.65 13.15 12.76
N GLU A 121 -18.90 12.83 13.10
CA GLU A 121 -19.53 11.62 12.58
C GLU A 121 -19.72 11.72 11.06
N TYR A 122 -20.09 12.88 10.56
CA TYR A 122 -20.23 13.07 9.11
C TYR A 122 -18.90 12.85 8.40
N ARG A 123 -17.82 13.41 8.95
CA ARG A 123 -16.51 13.21 8.34
C ARG A 123 -16.10 11.74 8.36
N SER A 124 -16.30 11.07 9.50
CA SER A 124 -15.93 9.66 9.60
C SER A 124 -16.74 8.79 8.64
N GLU A 125 -18.06 9.03 8.57
CA GLU A 125 -18.89 8.24 7.66
C GLU A 125 -18.58 8.53 6.20
N LYS A 126 -18.29 9.79 5.86
CA LYS A 126 -17.90 10.10 4.49
C LYS A 126 -16.60 9.41 4.11
N SER A 127 -15.62 9.42 5.03
CA SER A 127 -14.36 8.72 4.76
C SER A 127 -14.59 7.22 4.60
N LEU A 128 -15.41 6.62 5.46
CA LEU A 128 -15.69 5.20 5.37
C LEU A 128 -16.39 4.86 4.06
N GLU A 129 -17.35 5.68 3.63
CA GLU A 129 -18.04 5.43 2.37
C GLU A 129 -17.10 5.60 1.18
N GLU A 130 -16.23 6.61 1.23
CA GLU A 130 -15.29 6.85 0.13
C GLU A 130 -14.18 5.82 0.10
N LEU A 131 -13.96 5.07 1.18
CA LEU A 131 -12.95 4.02 1.20
C LEU A 131 -13.57 2.74 0.62
N SER A 132 -14.14 2.89 -0.57
CA SER A 132 -14.73 1.74 -1.27
C SER A 132 -14.51 1.78 -2.77
N LYS A 133 -13.78 2.75 -3.32
CA LYS A 133 -13.58 2.88 -4.76
C LYS A 133 -12.13 2.63 -5.17
N LEU A 134 -11.32 2.03 -4.30
CA LEU A 134 -9.90 1.85 -4.60
C LEU A 134 -9.70 0.84 -5.74
N VAL A 135 -10.42 -0.27 -5.69
CA VAL A 135 -10.27 -1.33 -6.70
C VAL A 135 -11.57 -1.46 -7.47
N PRO A 136 -11.68 -0.88 -8.66
CA PRO A 136 -12.88 -1.04 -9.47
C PRO A 136 -12.81 -2.30 -10.30
N PRO A 137 -13.96 -2.88 -10.67
CA PRO A 137 -13.93 -4.05 -11.55
C PRO A 137 -13.39 -3.73 -12.94
N GLU A 138 -12.70 -4.69 -13.51
CA GLU A 138 -12.04 -4.52 -14.80
C GLU A 138 -12.38 -5.68 -15.72
N CYS A 139 -12.45 -5.39 -17.02
CA CYS A 139 -12.80 -6.37 -18.03
C CYS A 139 -12.38 -5.83 -19.39
N HIS A 140 -12.56 -6.65 -20.42
CA HIS A 140 -12.25 -6.29 -21.79
C HIS A 140 -13.49 -6.42 -22.65
N CYS A 141 -13.65 -5.47 -23.57
CA CYS A 141 -14.80 -5.45 -24.45
C CYS A 141 -14.36 -5.16 -25.88
N VAL A 142 -15.17 -5.61 -26.83
CA VAL A 142 -14.89 -5.39 -28.25
C VAL A 142 -15.94 -4.44 -28.80
N ARG A 143 -15.49 -3.31 -29.34
CA ARG A 143 -16.37 -2.31 -29.92
C ARG A 143 -15.79 -1.81 -31.23
N GLU A 144 -16.67 -1.53 -32.19
CA GLU A 144 -16.31 -1.05 -33.54
C GLU A 144 -15.20 -1.90 -34.18
N GLY A 145 -15.14 -3.17 -33.77
CA GLY A 145 -14.14 -4.08 -34.26
C GLY A 145 -12.80 -4.00 -33.56
N LYS A 146 -12.70 -3.21 -32.49
CA LYS A 146 -11.45 -3.07 -31.74
C LYS A 146 -11.66 -3.52 -30.29
N LEU A 147 -10.64 -4.16 -29.74
CA LEU A 147 -10.69 -4.63 -28.35
C LEU A 147 -10.32 -3.47 -27.43
N GLU A 148 -11.29 -2.98 -26.67
CA GLU A 148 -11.08 -1.85 -25.77
C GLU A 148 -10.98 -2.32 -24.33
N HIS A 149 -10.13 -1.64 -23.55
CA HIS A 149 -9.91 -1.97 -22.15
C HIS A 149 -10.73 -1.02 -21.29
N THR A 150 -11.93 -1.45 -20.90
CA THR A 150 -12.89 -0.55 -20.26
C THR A 150 -13.39 -1.17 -18.96
N LEU A 151 -13.87 -0.30 -18.07
CA LEU A 151 -14.39 -0.74 -16.77
C LEU A 151 -15.67 -1.55 -16.96
N ALA A 152 -15.94 -2.44 -16.01
CA ALA A 152 -17.15 -3.25 -16.07
C ALA A 152 -18.41 -2.42 -15.86
N ARG A 153 -18.27 -1.26 -15.22
CA ARG A 153 -19.43 -0.39 -14.98
C ARG A 153 -19.97 0.17 -16.29
N ASP A 154 -19.15 0.17 -17.33
CA ASP A 154 -19.52 0.65 -18.65
C ASP A 154 -20.41 -0.36 -19.38
N LEU A 155 -20.27 -1.65 -19.08
CA LEU A 155 -20.90 -2.71 -19.86
C LEU A 155 -22.41 -2.53 -19.95
N VAL A 156 -22.91 -2.68 -21.18
CA VAL A 156 -24.35 -2.67 -21.46
C VAL A 156 -24.68 -3.94 -22.23
N PRO A 157 -25.91 -4.44 -22.13
CA PRO A 157 -26.26 -5.67 -22.85
C PRO A 157 -26.11 -5.51 -24.35
N GLY A 158 -25.67 -6.58 -25.01
CA GLY A 158 -25.35 -6.55 -26.42
C GLY A 158 -23.89 -6.37 -26.74
N ASP A 159 -23.06 -5.99 -25.76
CA ASP A 159 -21.63 -5.84 -25.99
C ASP A 159 -20.96 -7.21 -26.07
N THR A 160 -19.80 -7.25 -26.71
CA THR A 160 -19.00 -8.46 -26.82
C THR A 160 -17.79 -8.33 -25.89
N VAL A 161 -17.65 -9.29 -24.98
CA VAL A 161 -16.59 -9.28 -23.98
C VAL A 161 -15.76 -10.54 -24.14
N CYS A 162 -14.44 -10.37 -24.22
CA CYS A 162 -13.50 -11.47 -24.34
C CYS A 162 -13.07 -11.94 -22.96
N LEU A 163 -13.13 -13.24 -22.72
CA LEU A 163 -12.74 -13.84 -21.46
C LEU A 163 -11.45 -14.62 -21.65
N SER A 164 -10.47 -14.36 -20.80
CA SER A 164 -9.17 -15.03 -20.84
C SER A 164 -8.91 -15.76 -19.53
N VAL A 165 -7.72 -16.36 -19.43
CA VAL A 165 -7.37 -17.12 -18.24
C VAL A 165 -7.03 -16.16 -17.11
N GLY A 166 -7.71 -16.33 -15.98
CA GLY A 166 -7.48 -15.53 -14.80
C GLY A 166 -8.37 -14.31 -14.67
N ASP A 167 -9.03 -13.90 -15.75
CA ASP A 167 -9.89 -12.73 -15.72
C ASP A 167 -11.18 -13.03 -14.97
N ARG A 168 -11.78 -11.98 -14.41
CA ARG A 168 -13.02 -12.08 -13.65
C ARG A 168 -14.18 -11.72 -14.58
N VAL A 169 -15.23 -12.53 -14.54
CA VAL A 169 -16.42 -12.31 -15.36
C VAL A 169 -17.15 -11.07 -14.86
N PRO A 170 -17.39 -10.07 -15.73
CA PRO A 170 -17.99 -8.81 -15.26
C PRO A 170 -19.51 -8.85 -15.19
N ALA A 171 -20.14 -9.69 -16.02
CA ALA A 171 -21.60 -9.75 -16.07
C ALA A 171 -22.01 -11.09 -16.67
N ASP A 172 -23.32 -11.27 -16.82
CA ASP A 172 -23.83 -12.44 -17.52
C ASP A 172 -23.64 -12.29 -19.02
N LEU A 173 -23.21 -13.37 -19.67
CA LEU A 173 -23.02 -13.35 -21.12
C LEU A 173 -23.54 -14.64 -21.73
N ARG A 174 -23.81 -14.59 -23.04
CA ARG A 174 -24.16 -15.78 -23.80
C ARG A 174 -22.93 -16.20 -24.59
N LEU A 175 -22.37 -17.36 -24.25
CA LEU A 175 -21.14 -17.82 -24.89
C LEU A 175 -21.43 -18.36 -26.28
N PHE A 176 -20.67 -17.88 -27.26
CA PHE A 176 -20.76 -18.37 -28.63
C PHE A 176 -19.47 -19.00 -29.13
N GLU A 177 -18.33 -18.62 -28.57
CA GLU A 177 -17.04 -19.23 -28.87
C GLU A 177 -16.35 -19.57 -27.56
N ALA A 178 -15.86 -20.80 -27.45
CA ALA A 178 -15.19 -21.25 -26.23
C ALA A 178 -14.20 -22.35 -26.56
N VAL A 179 -13.02 -22.29 -25.96
CA VAL A 179 -11.96 -23.26 -26.19
C VAL A 179 -11.49 -23.78 -24.83
N ASP A 180 -12.04 -24.92 -24.41
CA ASP A 180 -11.65 -25.57 -23.15
C ASP A 180 -11.82 -24.64 -21.96
N LEU A 181 -13.00 -24.04 -21.84
CA LEU A 181 -13.26 -23.07 -20.78
C LEU A 181 -13.31 -23.74 -19.42
N SER A 182 -12.81 -23.05 -18.40
CA SER A 182 -12.84 -23.53 -17.01
C SER A 182 -13.01 -22.32 -16.09
N ILE A 183 -14.18 -22.18 -15.50
CA ILE A 183 -14.51 -21.09 -14.59
C ILE A 183 -14.91 -21.68 -13.24
N ASP A 184 -14.74 -20.89 -12.18
CA ASP A 184 -15.02 -21.34 -10.82
C ASP A 184 -16.29 -20.66 -10.33
N GLU A 185 -17.32 -21.46 -10.03
CA GLU A 185 -18.56 -20.96 -9.46
C GLU A 185 -18.69 -21.28 -7.98
N SER A 186 -17.57 -21.49 -7.28
CA SER A 186 -17.64 -21.81 -5.85
C SER A 186 -18.25 -20.66 -5.05
N SER A 187 -17.98 -19.42 -5.46
CA SER A 187 -18.54 -18.28 -4.76
C SER A 187 -20.01 -18.08 -5.10
N LEU A 188 -20.50 -18.76 -6.14
CA LEU A 188 -21.88 -18.62 -6.57
C LEU A 188 -22.71 -19.88 -6.37
N THR A 189 -22.11 -21.07 -6.47
CA THR A 189 -22.84 -22.32 -6.28
C THR A 189 -22.29 -23.18 -5.16
N GLY A 190 -21.06 -22.96 -4.70
CA GLY A 190 -20.47 -23.77 -3.66
C GLY A 190 -19.76 -25.02 -4.14
N GLU A 191 -19.79 -25.32 -5.44
CA GLU A 191 -19.13 -26.50 -5.96
C GLU A 191 -17.63 -26.22 -6.13
N THR A 192 -16.79 -27.08 -5.56
CA THR A 192 -15.35 -26.90 -5.67
C THR A 192 -14.80 -27.33 -7.02
N THR A 193 -15.57 -28.10 -7.80
CA THR A 193 -15.09 -28.58 -9.09
C THR A 193 -15.52 -27.62 -10.19
N PRO A 194 -14.58 -27.01 -10.90
CA PRO A 194 -14.96 -26.17 -12.04
C PRO A 194 -15.66 -26.97 -13.13
N CYS A 195 -16.63 -26.33 -13.79
CA CYS A 195 -17.40 -26.99 -14.82
C CYS A 195 -16.97 -26.49 -16.20
N SER A 196 -16.69 -27.41 -17.10
CA SER A 196 -16.36 -27.07 -18.48
C SER A 196 -17.57 -26.49 -19.18
N LYS A 197 -17.36 -25.45 -19.99
CA LYS A 197 -18.42 -24.73 -20.67
C LYS A 197 -18.45 -25.09 -22.16
N VAL A 198 -19.65 -25.13 -22.72
CA VAL A 198 -19.85 -25.36 -24.14
C VAL A 198 -20.60 -24.17 -24.71
N THR A 199 -20.74 -24.19 -26.04
CA THR A 199 -21.45 -23.13 -26.76
C THR A 199 -22.79 -23.58 -27.32
N ALA A 200 -23.03 -24.89 -27.40
CA ALA A 200 -24.30 -25.38 -27.90
C ALA A 200 -25.44 -25.05 -26.95
N PRO A 201 -26.64 -24.79 -27.46
CA PRO A 201 -27.78 -24.51 -26.57
C PRO A 201 -28.13 -25.72 -25.73
N GLN A 202 -28.66 -25.46 -24.53
CA GLN A 202 -29.00 -26.53 -23.61
C GLN A 202 -30.51 -26.76 -23.59
N PRO A 203 -30.94 -28.00 -23.34
CA PRO A 203 -32.38 -28.27 -23.25
C PRO A 203 -33.02 -27.50 -22.10
N ALA A 204 -34.27 -27.07 -22.32
CA ALA A 204 -34.97 -26.28 -21.32
C ALA A 204 -35.36 -27.13 -20.11
N ALA A 205 -35.67 -28.41 -20.34
CA ALA A 205 -36.13 -29.26 -19.26
C ALA A 205 -35.06 -29.53 -18.20
N THR A 206 -33.78 -29.42 -18.55
CA THR A 206 -32.70 -29.68 -17.61
C THR A 206 -32.31 -28.37 -16.95
N ASN A 207 -33.18 -27.89 -16.04
CA ASN A 207 -32.90 -26.64 -15.35
C ASN A 207 -33.62 -26.52 -14.02
N GLY A 208 -32.87 -26.63 -12.92
CA GLY A 208 -33.33 -26.24 -11.61
C GLY A 208 -32.54 -25.03 -11.18
N ASP A 209 -31.51 -25.23 -10.36
CA ASP A 209 -30.40 -24.32 -10.22
C ASP A 209 -29.45 -24.54 -11.41
N LEU A 210 -28.24 -23.98 -11.34
CA LEU A 210 -27.34 -24.06 -12.49
C LEU A 210 -27.08 -25.51 -12.88
N ALA A 211 -26.30 -26.22 -12.06
CA ALA A 211 -26.17 -27.68 -12.05
C ALA A 211 -26.09 -28.34 -13.42
N SER A 212 -25.62 -27.60 -14.45
CA SER A 212 -25.66 -28.05 -15.83
C SER A 212 -25.35 -26.92 -16.80
N ARG A 213 -25.56 -25.67 -16.37
CA ARG A 213 -25.56 -24.52 -17.27
C ARG A 213 -24.13 -24.24 -17.73
N SER A 214 -23.72 -24.99 -18.76
CA SER A 214 -22.40 -24.83 -19.36
C SER A 214 -22.40 -23.89 -20.54
N ASN A 215 -23.53 -23.28 -20.89
CA ASN A 215 -23.63 -22.39 -22.04
C ASN A 215 -23.62 -20.92 -21.66
N ILE A 216 -24.10 -20.58 -20.46
CA ILE A 216 -24.28 -19.19 -20.04
C ILE A 216 -23.25 -18.87 -18.97
N ALA A 217 -22.55 -17.76 -19.13
CA ALA A 217 -21.57 -17.30 -18.16
C ALA A 217 -22.24 -16.43 -17.11
N PHE A 218 -21.87 -16.63 -15.85
CA PHE A 218 -22.47 -15.90 -14.74
C PHE A 218 -21.50 -14.86 -14.17
N MET A 219 -22.07 -13.79 -13.63
CA MET A 219 -21.27 -12.70 -13.08
C MET A 219 -20.65 -13.11 -11.76
N GLY A 220 -19.43 -12.64 -11.51
CA GLY A 220 -18.75 -12.89 -10.25
C GLY A 220 -17.91 -14.15 -10.21
N THR A 221 -17.99 -15.00 -11.23
CA THR A 221 -17.22 -16.22 -11.26
C THR A 221 -15.80 -15.94 -11.76
N LEU A 222 -14.88 -16.84 -11.42
CA LEU A 222 -13.46 -16.68 -11.75
C LEU A 222 -13.05 -17.71 -12.79
N VAL A 223 -12.53 -17.23 -13.92
CA VAL A 223 -12.14 -18.11 -15.02
C VAL A 223 -10.79 -18.72 -14.68
N ARG A 224 -10.73 -20.04 -14.65
CA ARG A 224 -9.51 -20.76 -14.28
C ARG A 224 -8.65 -21.10 -15.49
N CYS A 225 -9.28 -21.49 -16.60
CA CYS A 225 -8.55 -21.87 -17.79
C CYS A 225 -9.43 -21.64 -19.02
N GLY A 226 -8.77 -21.54 -20.18
CA GLY A 226 -9.46 -21.39 -21.44
C GLY A 226 -9.73 -19.94 -21.80
N LYS A 227 -9.96 -19.73 -23.10
CA LYS A 227 -10.28 -18.43 -23.65
C LYS A 227 -11.61 -18.51 -24.39
N ALA A 228 -12.42 -17.46 -24.26
CA ALA A 228 -13.74 -17.46 -24.85
C ALA A 228 -14.24 -16.04 -25.02
N LYS A 229 -15.31 -15.92 -25.82
CA LYS A 229 -16.01 -14.65 -26.04
C LYS A 229 -17.50 -14.88 -25.83
N GLY A 230 -18.18 -13.87 -25.33
CA GLY A 230 -19.59 -13.99 -25.04
C GLY A 230 -20.32 -12.67 -25.25
N VAL A 231 -21.62 -12.76 -25.43
CA VAL A 231 -22.48 -11.59 -25.60
C VAL A 231 -23.26 -11.36 -24.31
N VAL A 232 -23.04 -10.20 -23.69
CA VAL A 232 -23.66 -9.90 -22.41
C VAL A 232 -25.18 -9.82 -22.58
N ILE A 233 -25.91 -10.45 -21.67
CA ILE A 233 -27.37 -10.55 -21.76
C ILE A 233 -28.02 -9.68 -20.70
N GLY A 234 -27.29 -9.33 -19.65
CA GLY A 234 -27.85 -8.54 -18.58
C GLY A 234 -26.80 -7.97 -17.63
N THR A 235 -27.03 -6.74 -17.18
CA THR A 235 -26.10 -6.05 -16.29
C THR A 235 -26.85 -5.49 -15.09
N GLY A 236 -26.14 -5.33 -13.98
CA GLY A 236 -26.72 -4.70 -12.81
C GLY A 236 -27.75 -5.58 -12.13
N GLU A 237 -28.90 -4.99 -11.83
CA GLU A 237 -29.95 -5.67 -11.07
C GLU A 237 -30.51 -6.87 -11.81
N ASN A 238 -30.69 -6.75 -13.12
CA ASN A 238 -31.29 -7.83 -13.90
C ASN A 238 -30.32 -9.00 -14.08
N SER A 239 -30.40 -9.96 -13.16
CA SER A 239 -29.57 -11.15 -13.19
C SER A 239 -30.14 -12.15 -12.18
N GLU A 240 -30.09 -13.43 -12.55
CA GLU A 240 -30.64 -14.48 -11.69
C GLU A 240 -29.90 -14.61 -10.35
N PHE A 241 -28.57 -14.67 -10.36
CA PHE A 241 -27.82 -14.71 -9.10
C PHE A 241 -27.24 -13.33 -8.80
N GLY A 242 -27.62 -12.34 -9.61
CA GLY A 242 -27.29 -10.96 -9.27
C GLY A 242 -27.90 -10.54 -7.95
N GLU A 243 -29.14 -10.96 -7.70
CA GLU A 243 -29.78 -10.71 -6.42
C GLU A 243 -29.03 -11.41 -5.28
N VAL A 244 -28.56 -12.64 -5.52
CA VAL A 244 -27.79 -13.36 -4.50
C VAL A 244 -26.51 -12.61 -4.18
N PHE A 245 -25.80 -12.14 -5.21
CA PHE A 245 -24.59 -11.36 -4.98
C PHE A 245 -24.91 -10.06 -4.24
N LYS A 246 -26.00 -9.39 -4.60
CA LYS A 246 -26.37 -8.14 -3.93
C LYS A 246 -26.67 -8.36 -2.46
N MET A 247 -27.43 -9.41 -2.13
CA MET A 247 -27.72 -9.68 -0.72
C MET A 247 -26.50 -10.20 0.03
N MET A 248 -25.55 -10.83 -0.68
CA MET A 248 -24.26 -11.12 -0.06
C MET A 248 -23.51 -9.84 0.27
N GLN A 249 -23.59 -8.83 -0.59
CA GLN A 249 -22.95 -7.56 -0.36
C GLN A 249 -23.69 -6.78 0.73
N ALA A 250 -23.24 -5.55 0.97
CA ALA A 250 -23.82 -4.67 1.99
C ALA A 250 -23.78 -5.32 3.37
N GLU A 251 -22.64 -5.91 3.70
CA GLU A 251 -22.42 -6.55 4.99
C GLU A 251 -21.36 -5.81 5.78
N GLU A 252 -21.29 -6.13 7.07
CA GLU A 252 -20.33 -5.48 7.96
C GLU A 252 -18.97 -6.16 7.86
N ALA A 253 -17.94 -5.38 7.55
CA ALA A 253 -16.60 -5.92 7.43
C ALA A 253 -16.04 -6.29 8.81
N PRO A 254 -15.21 -7.33 8.88
CA PRO A 254 -14.59 -7.68 10.16
C PRO A 254 -13.64 -6.60 10.64
N LYS A 255 -13.51 -6.50 11.96
CA LYS A 255 -12.69 -5.47 12.57
C LYS A 255 -11.29 -5.99 12.85
N THR A 256 -10.31 -5.11 12.66
CA THR A 256 -8.92 -5.46 12.93
C THR A 256 -8.69 -5.66 14.43
N PRO A 257 -7.74 -6.51 14.80
CA PRO A 257 -7.43 -6.67 16.24
C PRO A 257 -7.00 -5.39 16.92
N LEU A 258 -6.38 -4.46 16.19
CA LEU A 258 -6.03 -3.17 16.78
C LEU A 258 -7.29 -2.40 17.18
N GLN A 259 -8.34 -2.46 16.36
CA GLN A 259 -9.60 -1.83 16.72
C GLN A 259 -10.21 -2.46 17.96
N LYS A 260 -10.13 -3.79 18.07
CA LYS A 260 -10.64 -4.47 19.26
C LYS A 260 -9.85 -4.07 20.51
N SER A 261 -8.53 -3.96 20.39
CA SER A 261 -7.72 -3.52 21.52
C SER A 261 -8.06 -2.08 21.92
N MET A 262 -8.25 -1.21 20.92
CA MET A 262 -8.63 0.17 21.21
C MET A 262 -9.99 0.22 21.90
N ASP A 263 -10.94 -0.59 21.45
CA ASP A 263 -12.26 -0.63 22.07
C ASP A 263 -12.16 -1.13 23.52
N LEU A 264 -11.35 -2.16 23.76
CA LEU A 264 -11.17 -2.66 25.12
C LEU A 264 -10.54 -1.61 26.02
N LEU A 265 -9.52 -0.91 25.51
CA LEU A 265 -8.90 0.16 26.30
C LEU A 265 -9.89 1.28 26.59
N GLY A 266 -10.71 1.64 25.60
CA GLY A 266 -11.72 2.67 25.82
C GLY A 266 -12.75 2.25 26.84
N LYS A 267 -13.20 0.99 26.79
CA LYS A 267 -14.15 0.50 27.77
C LYS A 267 -13.56 0.51 29.17
N GLN A 268 -12.29 0.09 29.30
CA GLN A 268 -11.64 0.11 30.61
C GLN A 268 -11.51 1.54 31.13
N LEU A 269 -11.10 2.48 30.27
CA LEU A 269 -10.98 3.87 30.68
C LEU A 269 -12.34 4.44 31.09
N SER A 270 -13.39 4.10 30.34
CA SER A 270 -14.73 4.58 30.69
C SER A 270 -15.18 4.02 32.02
N PHE A 271 -14.93 2.74 32.28
CA PHE A 271 -15.31 2.15 33.55
C PHE A 271 -14.57 2.80 34.71
N TYR A 272 -13.25 2.98 34.56
CA TYR A 272 -12.47 3.63 35.62
C TYR A 272 -12.94 5.07 35.85
N SER A 273 -13.22 5.81 34.78
CA SER A 273 -13.68 7.18 34.91
C SER A 273 -15.05 7.22 35.59
N PHE A 274 -15.95 6.31 35.23
CA PHE A 274 -17.26 6.26 35.87
C PHE A 274 -17.14 5.96 37.36
N GLY A 275 -16.29 5.00 37.72
CA GLY A 275 -16.09 4.70 39.13
C GLY A 275 -15.50 5.87 39.90
N ILE A 276 -14.50 6.54 39.32
CA ILE A 276 -13.88 7.69 39.98
C ILE A 276 -14.89 8.82 40.12
N ILE A 277 -15.70 9.05 39.09
CA ILE A 277 -16.70 10.12 39.14
C ILE A 277 -17.74 9.82 40.21
N GLY A 278 -18.19 8.56 40.30
CA GLY A 278 -19.14 8.20 41.34
C GLY A 278 -18.57 8.37 42.74
N ILE A 279 -17.32 7.95 42.93
CA ILE A 279 -16.68 8.10 44.24
C ILE A 279 -16.54 9.58 44.60
N ILE A 280 -16.13 10.40 43.63
CA ILE A 280 -15.95 11.83 43.88
C ILE A 280 -17.29 12.48 44.19
N MET A 281 -18.35 12.12 43.46
CA MET A 281 -19.67 12.69 43.73
C MET A 281 -20.18 12.29 45.11
N LEU A 282 -19.98 11.03 45.50
CA LEU A 282 -20.39 10.60 46.83
C LEU A 282 -19.61 11.34 47.92
N VAL A 283 -18.30 11.50 47.73
CA VAL A 283 -17.49 12.22 48.70
C VAL A 283 -17.94 13.66 48.81
N GLY A 284 -18.19 14.32 47.68
CA GLY A 284 -18.66 15.69 47.72
C GLY A 284 -20.02 15.85 48.38
N TRP A 285 -20.94 14.92 48.10
CA TRP A 285 -22.24 14.94 48.74
C TRP A 285 -22.16 14.60 50.23
N LEU A 286 -21.08 13.96 50.67
CA LEU A 286 -20.92 13.68 52.09
C LEU A 286 -20.83 14.97 52.89
N LEU A 287 -20.09 15.97 52.40
CA LEU A 287 -20.02 17.26 53.06
C LEU A 287 -21.09 18.19 52.50
N GLY A 288 -21.03 19.46 52.88
CA GLY A 288 -22.03 20.42 52.45
C GLY A 288 -21.69 21.12 51.15
N LYS A 289 -22.40 20.77 50.08
CA LYS A 289 -22.20 21.38 48.77
C LYS A 289 -23.57 21.46 48.08
N ASP A 290 -23.54 21.77 46.79
CA ASP A 290 -24.75 21.86 45.97
C ASP A 290 -24.95 20.55 45.23
N ILE A 291 -26.13 19.95 45.41
CA ILE A 291 -26.39 18.64 44.80
C ILE A 291 -26.50 18.77 43.27
N LEU A 292 -27.24 19.77 42.78
CA LEU A 292 -27.46 19.89 41.35
C LEU A 292 -26.18 20.28 40.62
N GLU A 293 -25.45 21.26 41.14
CA GLU A 293 -24.23 21.71 40.50
C GLU A 293 -23.19 20.59 40.46
N MET A 294 -23.01 19.89 41.59
CA MET A 294 -22.06 18.79 41.61
C MET A 294 -22.50 17.65 40.70
N PHE A 295 -23.80 17.35 40.65
CA PHE A 295 -24.29 16.29 39.78
C PHE A 295 -24.04 16.61 38.31
N THR A 296 -24.36 17.84 37.89
CA THR A 296 -24.14 18.19 36.48
C THR A 296 -22.65 18.29 36.16
N ILE A 297 -21.83 18.74 37.11
CA ILE A 297 -20.39 18.77 36.87
C ILE A 297 -19.82 17.37 36.74
N SER A 298 -20.29 16.43 37.57
CA SER A 298 -19.87 15.05 37.46
C SER A 298 -20.33 14.43 36.14
N VAL A 299 -21.54 14.76 35.69
CA VAL A 299 -22.01 14.25 34.41
C VAL A 299 -21.16 14.78 33.27
N SER A 300 -20.82 16.08 33.31
CA SER A 300 -19.96 16.67 32.28
C SER A 300 -18.57 16.03 32.30
N LEU A 301 -18.04 15.77 33.51
CA LEU A 301 -16.75 15.09 33.62
C LEU A 301 -16.80 13.67 33.08
N ALA A 302 -17.89 12.96 33.33
CA ALA A 302 -18.05 11.62 32.76
C ALA A 302 -18.11 11.67 31.24
N VAL A 303 -18.79 12.68 30.69
CA VAL A 303 -18.81 12.86 29.24
C VAL A 303 -17.40 13.13 28.72
N ALA A 304 -16.65 13.99 29.42
CA ALA A 304 -15.31 14.34 28.97
C ALA A 304 -14.36 13.15 29.01
N ALA A 305 -14.35 12.41 30.12
CA ALA A 305 -13.43 11.30 30.31
C ALA A 305 -14.02 9.98 29.84
N ILE A 306 -14.50 9.97 28.60
CA ILE A 306 -14.99 8.75 27.97
C ILE A 306 -14.51 8.77 26.52
N PRO A 307 -13.81 7.73 26.06
CA PRO A 307 -13.31 7.74 24.68
C PRO A 307 -14.44 7.58 23.67
N GLU A 308 -14.81 8.67 23.01
CA GLU A 308 -15.79 8.64 21.93
C GLU A 308 -15.17 8.93 20.58
N GLY A 309 -14.02 9.59 20.54
CA GLY A 309 -13.29 9.86 19.32
C GLY A 309 -12.11 8.94 19.06
N LEU A 310 -11.84 7.98 19.95
CA LEU A 310 -10.71 7.09 19.72
C LEU A 310 -10.93 6.16 18.54
N PRO A 311 -12.00 5.35 18.48
CA PRO A 311 -12.22 4.55 17.27
C PRO A 311 -12.45 5.40 16.03
N ILE A 312 -13.08 6.56 16.17
CA ILE A 312 -13.30 7.43 15.02
C ILE A 312 -11.97 7.89 14.44
N VAL A 313 -11.08 8.40 15.29
CA VAL A 313 -9.79 8.88 14.82
C VAL A 313 -8.94 7.72 14.32
N VAL A 314 -9.11 6.52 14.88
CA VAL A 314 -8.42 5.36 14.35
C VAL A 314 -8.88 5.07 12.92
N THR A 315 -10.19 5.15 12.68
CA THR A 315 -10.71 4.94 11.33
C THR A 315 -10.19 6.00 10.37
N VAL A 316 -10.20 7.27 10.78
CA VAL A 316 -9.73 8.34 9.90
C VAL A 316 -8.24 8.19 9.60
N THR A 317 -7.43 7.86 10.61
CA THR A 317 -6.00 7.72 10.35
C THR A 317 -5.70 6.49 9.50
N LEU A 318 -6.44 5.40 9.68
CA LEU A 318 -6.25 4.24 8.80
C LEU A 318 -6.64 4.57 7.36
N ALA A 319 -7.76 5.27 7.17
CA ALA A 319 -8.17 5.67 5.83
C ALA A 319 -7.16 6.62 5.21
N LEU A 320 -6.63 7.56 6.00
CA LEU A 320 -5.63 8.50 5.48
C LEU A 320 -4.35 7.78 5.09
N GLY A 321 -3.88 6.83 5.90
CA GLY A 321 -2.70 6.06 5.52
C GLY A 321 -2.94 5.24 4.26
N VAL A 322 -4.11 4.61 4.16
CA VAL A 322 -4.43 3.81 2.99
C VAL A 322 -4.47 4.69 1.73
N MET A 323 -5.08 5.87 1.83
CA MET A 323 -5.12 6.78 0.69
C MET A 323 -3.76 7.38 0.36
N ARG A 324 -2.90 7.59 1.37
CA ARG A 324 -1.54 8.02 1.10
C ARG A 324 -0.74 6.94 0.37
N MET A 325 -0.92 5.68 0.75
CA MET A 325 -0.32 4.59 -0.03
C MET A 325 -0.89 4.55 -1.44
N VAL A 326 -2.19 4.80 -1.58
CA VAL A 326 -2.82 4.86 -2.90
C VAL A 326 -2.20 5.97 -3.74
N LYS A 327 -1.87 7.11 -3.11
CA LYS A 327 -1.15 8.16 -3.81
C LYS A 327 0.20 7.68 -4.33
N LYS A 328 0.82 6.74 -3.61
CA LYS A 328 2.04 6.09 -4.08
C LYS A 328 1.66 4.99 -5.07
N ARG A 329 2.62 4.16 -5.43
CA ARG A 329 2.38 3.08 -6.41
C ARG A 329 2.02 1.78 -5.71
N ALA A 330 0.95 1.84 -4.91
CA ALA A 330 0.46 0.67 -4.20
C ALA A 330 -1.00 0.91 -3.83
N ILE A 331 -1.80 -0.16 -3.87
CA ILE A 331 -3.22 -0.12 -3.53
C ILE A 331 -3.47 -1.17 -2.46
N VAL A 332 -4.12 -0.75 -1.37
CA VAL A 332 -4.43 -1.63 -0.24
C VAL A 332 -5.94 -1.80 -0.16
N LYS A 333 -6.39 -3.05 -0.03
CA LYS A 333 -7.81 -3.38 -0.04
C LYS A 333 -8.37 -3.58 1.37
N LYS A 334 -7.79 -4.49 2.13
CA LYS A 334 -8.35 -4.89 3.42
C LYS A 334 -7.87 -3.96 4.54
N LEU A 335 -8.81 -3.66 5.45
CA LEU A 335 -8.55 -2.87 6.65
C LEU A 335 -7.56 -3.54 7.60
N PRO A 336 -7.75 -4.81 7.99
CA PRO A 336 -6.85 -5.42 8.97
C PRO A 336 -5.54 -5.93 8.38
N ILE A 337 -5.24 -5.60 7.14
CA ILE A 337 -3.96 -5.97 6.54
C ILE A 337 -2.90 -4.90 6.80
N VAL A 338 -3.31 -3.64 6.92
CA VAL A 338 -2.37 -2.53 7.08
C VAL A 338 -1.56 -2.67 8.36
N GLU A 339 -2.22 -3.00 9.47
CA GLU A 339 -1.52 -3.09 10.76
C GLU A 339 -0.47 -4.19 10.78
N THR A 340 -0.56 -5.18 9.88
CA THR A 340 0.44 -6.23 9.77
C THR A 340 1.63 -5.83 8.92
N LEU A 341 1.56 -4.69 8.23
CA LEU A 341 2.69 -4.25 7.41
C LEU A 341 3.89 -3.91 8.27
N GLY A 342 3.66 -3.25 9.41
CA GLY A 342 4.76 -2.87 10.28
C GLY A 342 5.37 -4.03 11.03
N CYS A 343 4.65 -5.14 11.16
CA CYS A 343 5.14 -6.32 11.85
C CYS A 343 5.82 -7.32 10.91
N CYS A 344 5.92 -7.00 9.63
CA CYS A 344 6.55 -7.91 8.68
C CYS A 344 8.06 -7.96 8.92
N ASN A 345 8.60 -9.17 8.96
CA ASN A 345 10.02 -9.36 9.27
C ASN A 345 10.65 -10.37 8.30
N VAL A 346 9.82 -11.07 7.54
CA VAL A 346 10.27 -12.16 6.68
C VAL A 346 9.86 -11.74 5.26
N ILE A 347 9.90 -10.44 5.01
CA ILE A 347 9.54 -9.89 3.70
C ILE A 347 10.27 -10.66 2.60
N CYS A 348 9.49 -11.11 1.61
CA CYS A 348 10.00 -11.96 0.53
C CYS A 348 9.82 -11.25 -0.80
N SER A 349 10.54 -11.77 -1.80
CA SER A 349 10.50 -11.21 -3.15
C SER A 349 10.96 -12.30 -4.12
N ASP A 350 10.83 -12.00 -5.41
CA ASP A 350 11.22 -12.95 -6.45
C ASP A 350 11.87 -12.21 -7.61
N LYS A 351 12.59 -12.95 -8.44
CA LYS A 351 13.24 -12.36 -9.60
C LYS A 351 12.23 -12.17 -10.73
N THR A 352 12.68 -11.54 -11.81
CA THR A 352 11.88 -11.29 -13.01
C THR A 352 10.63 -10.47 -12.68
N GLY A 353 10.86 -9.25 -12.19
CA GLY A 353 9.77 -8.32 -12.01
C GLY A 353 9.77 -7.55 -10.70
N THR A 354 10.25 -8.17 -9.62
CA THR A 354 10.21 -7.51 -8.31
C THR A 354 11.54 -6.84 -8.01
N LEU A 355 12.62 -7.62 -7.94
CA LEU A 355 13.93 -7.08 -7.64
C LEU A 355 14.64 -6.66 -8.92
N THR A 356 14.33 -7.34 -10.03
CA THR A 356 14.96 -7.06 -11.31
C THR A 356 13.87 -6.75 -12.33
N LYS A 357 14.03 -5.66 -13.07
CA LYS A 357 13.11 -5.35 -14.15
C LYS A 357 13.16 -6.45 -15.21
N ASN A 358 11.99 -6.78 -15.77
CA ASN A 358 11.88 -7.89 -16.72
C ASN A 358 12.44 -7.49 -18.09
N GLU A 359 13.72 -7.12 -18.07
CA GLU A 359 14.45 -6.74 -19.27
C GLU A 359 15.89 -7.21 -19.13
N MET A 360 16.48 -7.62 -20.24
CA MET A 360 17.86 -8.09 -20.27
C MET A 360 18.77 -6.92 -20.61
N THR A 361 19.93 -6.86 -19.96
CA THR A 361 20.91 -5.81 -20.20
C THR A 361 22.31 -6.40 -20.15
N VAL A 362 23.13 -6.06 -21.15
CA VAL A 362 24.51 -6.53 -21.18
C VAL A 362 25.35 -5.70 -20.21
N THR A 363 26.11 -6.39 -19.36
CA THR A 363 26.92 -5.73 -18.35
C THR A 363 28.42 -5.81 -18.61
N HIS A 364 28.96 -6.99 -18.91
CA HIS A 364 30.39 -7.18 -19.12
C HIS A 364 30.66 -7.59 -20.56
N ILE A 365 31.67 -6.96 -21.16
CA ILE A 365 32.13 -7.30 -22.50
C ILE A 365 33.61 -7.67 -22.41
N PHE A 366 33.94 -8.85 -22.95
CA PHE A 366 35.32 -9.32 -23.01
C PHE A 366 35.68 -9.52 -24.48
N THR A 367 36.77 -8.89 -24.91
CA THR A 367 37.16 -8.90 -26.31
C THR A 367 38.19 -10.00 -26.57
N SER A 368 38.52 -10.17 -27.85
CA SER A 368 39.50 -11.17 -28.26
C SER A 368 40.89 -10.86 -27.72
N ASP A 369 41.20 -9.60 -27.45
CA ASP A 369 42.50 -9.19 -26.93
C ASP A 369 42.57 -9.19 -25.41
N GLY A 370 41.47 -9.53 -24.73
CA GLY A 370 41.49 -9.69 -23.29
C GLY A 370 41.08 -8.49 -22.47
N LEU A 371 40.80 -7.34 -23.10
CA LEU A 371 40.32 -6.18 -22.35
C LEU A 371 38.92 -6.44 -21.82
N HIS A 372 38.66 -5.92 -20.62
CA HIS A 372 37.37 -6.08 -19.95
C HIS A 372 36.61 -4.77 -20.02
N ALA A 373 35.37 -4.82 -20.52
CA ALA A 373 34.52 -3.65 -20.67
C ALA A 373 33.29 -3.77 -19.79
N GLU A 374 33.02 -2.72 -19.02
CA GLU A 374 31.85 -2.66 -18.16
C GLU A 374 30.81 -1.72 -18.75
N VAL A 375 29.57 -2.18 -18.82
CA VAL A 375 28.47 -1.43 -19.42
C VAL A 375 27.54 -0.97 -18.31
N THR A 376 27.31 0.33 -18.23
CA THR A 376 26.43 0.91 -17.24
C THR A 376 25.02 1.10 -17.82
N GLY A 377 24.08 1.44 -16.95
CA GLY A 377 22.72 1.66 -17.36
C GLY A 377 21.90 0.38 -17.40
N VAL A 378 20.58 0.55 -17.35
CA VAL A 378 19.64 -0.56 -17.37
C VAL A 378 18.54 -0.25 -18.38
N GLY A 379 17.88 -1.29 -18.87
CA GLY A 379 16.78 -1.12 -19.78
C GLY A 379 17.22 -0.94 -21.22
N TYR A 380 16.22 -0.89 -22.11
CA TYR A 380 16.44 -0.69 -23.53
C TYR A 380 16.39 0.80 -23.88
N ASN A 381 17.21 1.58 -23.18
CA ASN A 381 17.26 3.02 -23.34
C ASN A 381 18.70 3.46 -23.57
N GLN A 382 18.86 4.76 -23.84
CA GLN A 382 20.17 5.33 -24.12
C GLN A 382 20.93 5.73 -22.86
N PHE A 383 20.35 5.54 -21.69
CA PHE A 383 21.02 5.89 -20.44
C PHE A 383 22.00 4.79 -20.07
N GLY A 384 23.30 5.08 -20.18
CA GLY A 384 24.33 4.11 -19.89
C GLY A 384 25.58 4.33 -20.72
N GLU A 385 26.71 3.81 -20.24
CA GLU A 385 27.99 3.98 -20.92
C GLU A 385 28.78 2.68 -20.87
N VAL A 386 29.68 2.52 -21.82
CA VAL A 386 30.61 1.40 -21.86
C VAL A 386 31.99 1.91 -21.50
N ILE A 387 32.57 1.34 -20.46
CA ILE A 387 33.84 1.82 -19.89
C ILE A 387 34.89 0.74 -20.09
N VAL A 388 36.01 1.12 -20.70
CA VAL A 388 37.15 0.22 -20.91
C VAL A 388 38.36 0.84 -20.24
N ASP A 389 38.86 0.19 -19.19
CA ASP A 389 40.03 0.64 -18.45
C ASP A 389 39.87 2.08 -17.94
N GLY A 390 38.66 2.41 -17.48
CA GLY A 390 38.37 3.73 -16.97
C GLY A 390 38.02 4.76 -18.02
N ASP A 391 37.99 4.37 -19.30
CA ASP A 391 37.69 5.30 -20.38
C ASP A 391 36.38 4.92 -21.07
N VAL A 392 35.54 5.91 -21.30
CA VAL A 392 34.26 5.70 -21.95
C VAL A 392 34.50 5.59 -23.46
N VAL A 393 33.96 4.53 -24.07
CA VAL A 393 34.13 4.27 -25.50
C VAL A 393 32.82 4.57 -26.20
N HIS A 394 32.88 5.42 -27.22
CA HIS A 394 31.72 5.78 -28.02
C HIS A 394 32.01 5.56 -29.50
N GLY A 395 31.02 5.03 -30.20
CA GLY A 395 31.18 4.77 -31.63
C GLY A 395 32.26 3.74 -31.90
N PHE A 396 33.11 4.04 -32.88
CA PHE A 396 34.18 3.13 -33.30
C PHE A 396 35.53 3.52 -32.71
N TYR A 397 35.54 4.10 -31.50
CA TYR A 397 36.80 4.50 -30.88
C TYR A 397 37.69 3.29 -30.58
N ASN A 398 37.09 2.22 -30.05
CA ASN A 398 37.82 1.00 -29.75
C ASN A 398 37.47 -0.07 -30.78
N PRO A 399 38.39 -0.45 -31.65
CA PRO A 399 38.04 -1.42 -32.71
C PRO A 399 37.55 -2.76 -32.18
N ALA A 400 38.11 -3.24 -31.06
CA ALA A 400 37.73 -4.55 -30.55
C ALA A 400 36.26 -4.59 -30.16
N VAL A 401 35.81 -3.63 -29.35
CA VAL A 401 34.41 -3.58 -28.95
C VAL A 401 33.54 -3.20 -30.14
N SER A 402 34.05 -2.35 -31.02
CA SER A 402 33.27 -1.90 -32.17
C SER A 402 32.92 -3.05 -33.10
N ARG A 403 33.88 -3.94 -33.38
CA ARG A 403 33.58 -5.09 -34.23
C ARG A 403 32.56 -6.01 -33.58
N ILE A 404 32.66 -6.21 -32.27
CA ILE A 404 31.71 -7.05 -31.56
C ILE A 404 30.31 -6.48 -31.66
N VAL A 405 30.15 -5.19 -31.39
CA VAL A 405 28.82 -4.59 -31.41
C VAL A 405 28.29 -4.51 -32.84
N GLU A 406 29.18 -4.34 -33.82
CA GLU A 406 28.76 -4.35 -35.22
C GLU A 406 28.21 -5.73 -35.61
N ALA A 407 28.94 -6.78 -35.27
CA ALA A 407 28.45 -8.13 -35.55
C ALA A 407 27.14 -8.40 -34.82
N GLY A 408 27.03 -7.92 -33.59
CA GLY A 408 25.80 -8.10 -32.84
C GLY A 408 24.60 -7.40 -33.45
N CYS A 409 24.75 -6.13 -33.83
CA CYS A 409 23.64 -5.34 -34.34
C CYS A 409 23.26 -5.72 -35.77
N VAL A 410 24.25 -5.93 -36.64
CA VAL A 410 23.93 -6.25 -38.03
C VAL A 410 23.29 -7.63 -38.13
N CYS A 411 23.87 -8.62 -37.45
CA CYS A 411 23.34 -9.98 -37.46
C CYS A 411 22.35 -10.16 -36.30
N ASN A 412 21.19 -9.52 -36.47
CA ASN A 412 20.16 -9.52 -35.44
C ASN A 412 18.80 -9.38 -36.09
N ASP A 413 17.77 -9.87 -35.42
CA ASP A 413 16.41 -9.83 -35.94
C ASP A 413 15.47 -8.95 -35.12
N ALA A 414 15.84 -8.64 -33.87
CA ALA A 414 14.96 -7.85 -33.01
C ALA A 414 15.27 -6.37 -33.14
N VAL A 415 14.24 -5.54 -32.92
CA VAL A 415 14.36 -4.08 -32.95
C VAL A 415 13.74 -3.53 -31.68
N ILE A 416 14.04 -2.29 -31.36
CA ILE A 416 13.49 -1.61 -30.18
C ILE A 416 12.75 -0.36 -30.65
N ARG A 417 11.47 -0.26 -30.26
CA ARG A 417 10.64 0.88 -30.62
C ARG A 417 10.00 1.45 -29.35
N ASN A 418 10.26 2.73 -29.10
CA ASN A 418 9.69 3.45 -27.95
C ASN A 418 9.98 2.71 -26.65
N ASN A 419 11.22 2.24 -26.51
CA ASN A 419 11.70 1.48 -25.36
C ASN A 419 10.95 0.17 -25.15
N THR A 420 10.24 -0.32 -26.17
CA THR A 420 9.53 -1.59 -26.10
C THR A 420 10.20 -2.58 -27.03
N LEU A 421 10.42 -3.79 -26.53
CA LEU A 421 11.13 -4.82 -27.29
C LEU A 421 10.20 -5.97 -27.65
N MET A 422 10.23 -6.38 -28.91
CA MET A 422 9.56 -7.60 -29.35
C MET A 422 10.62 -8.54 -29.93
N GLY A 423 10.55 -9.81 -29.56
CA GLY A 423 11.53 -10.79 -29.98
C GLY A 423 12.30 -11.37 -28.81
N LYS A 424 13.54 -11.76 -29.10
CA LYS A 424 14.38 -12.40 -28.09
C LYS A 424 14.95 -11.35 -27.14
N PRO A 425 14.71 -11.48 -25.83
CA PRO A 425 15.28 -10.51 -24.89
C PRO A 425 16.80 -10.47 -24.91
N THR A 426 17.46 -11.62 -25.11
CA THR A 426 18.91 -11.64 -25.18
C THR A 426 19.42 -10.81 -26.34
N GLU A 427 18.78 -10.91 -27.51
CA GLU A 427 19.14 -10.06 -28.63
C GLU A 427 18.82 -8.59 -28.35
N GLY A 428 17.64 -8.33 -27.77
CA GLY A 428 17.24 -6.95 -27.50
C GLY A 428 18.21 -6.25 -26.59
N ALA A 429 18.76 -6.97 -25.61
CA ALA A 429 19.85 -6.41 -24.81
C ALA A 429 21.04 -6.02 -25.68
N LEU A 430 21.27 -6.77 -26.76
CA LEU A 430 22.41 -6.49 -27.64
C LEU A 430 22.17 -5.25 -28.48
N ILE A 431 20.95 -5.08 -29.01
CA ILE A 431 20.63 -3.81 -29.67
C ILE A 431 20.73 -2.65 -28.68
N ALA A 432 20.28 -2.85 -27.44
CA ALA A 432 20.40 -1.79 -26.44
C ALA A 432 21.86 -1.42 -26.20
N LEU A 433 22.72 -2.43 -26.08
CA LEU A 433 24.15 -2.19 -25.87
C LEU A 433 24.76 -1.44 -27.05
N ALA A 434 24.45 -1.87 -28.27
CA ALA A 434 25.01 -1.20 -29.45
C ALA A 434 24.51 0.23 -29.57
N MET A 435 23.23 0.47 -29.21
CA MET A 435 22.65 1.79 -29.36
C MET A 435 23.13 2.73 -28.26
N LYS A 436 23.55 2.17 -27.11
CA LYS A 436 24.03 3.02 -26.02
C LYS A 436 25.15 3.94 -26.44
N MET A 437 26.06 3.47 -27.30
CA MET A 437 27.15 4.30 -27.79
C MET A 437 26.81 5.04 -29.09
N GLY A 438 25.60 4.87 -29.60
CA GLY A 438 25.21 5.57 -30.82
C GLY A 438 25.43 4.79 -32.09
N LEU A 439 25.14 3.49 -32.08
CA LEU A 439 25.31 2.64 -33.25
C LEU A 439 24.01 1.94 -33.63
N ASP A 440 22.88 2.62 -33.42
CA ASP A 440 21.59 2.03 -33.74
C ASP A 440 21.38 1.90 -35.24
N GLY A 441 21.89 2.86 -36.01
CA GLY A 441 21.74 2.87 -37.46
C GLY A 441 22.70 1.99 -38.20
N LEU A 442 23.58 1.27 -37.51
CA LEU A 442 24.52 0.39 -38.19
C LEU A 442 23.83 -0.81 -38.81
N GLN A 443 22.68 -1.21 -38.27
CA GLN A 443 21.93 -2.32 -38.86
C GLN A 443 21.42 -1.98 -40.26
N GLN A 444 20.95 -0.75 -40.46
CA GLN A 444 20.44 -0.34 -41.76
C GLN A 444 21.57 -0.12 -42.77
N ASP A 445 22.82 -0.07 -42.32
CA ASP A 445 23.95 0.15 -43.23
C ASP A 445 24.37 -1.10 -43.98
N TYR A 446 23.79 -2.26 -43.66
CA TYR A 446 24.14 -3.51 -44.31
C TYR A 446 22.90 -4.14 -44.93
N ILE A 447 23.08 -4.80 -46.06
CA ILE A 447 22.01 -5.49 -46.77
C ILE A 447 22.21 -6.98 -46.61
N ARG A 448 21.27 -7.65 -45.96
CA ARG A 448 21.37 -9.08 -45.71
C ARG A 448 21.05 -9.86 -46.97
N LYS A 449 21.88 -10.85 -47.28
CA LYS A 449 21.67 -11.69 -48.46
C LYS A 449 21.14 -13.07 -48.10
N ALA A 450 21.73 -13.71 -47.10
CA ALA A 450 21.29 -15.03 -46.65
C ALA A 450 21.14 -15.01 -45.13
N GLU A 451 20.15 -15.75 -44.63
CA GLU A 451 19.85 -15.81 -43.21
C GLU A 451 19.77 -17.25 -42.74
N TYR A 452 20.33 -17.51 -41.56
CA TYR A 452 20.21 -18.81 -40.88
C TYR A 452 19.48 -18.60 -39.57
N PRO A 453 18.21 -19.00 -39.47
CA PRO A 453 17.43 -18.72 -38.25
C PRO A 453 17.95 -19.53 -37.06
N PHE A 454 17.63 -19.02 -35.86
CA PHE A 454 18.03 -19.67 -34.63
C PHE A 454 17.20 -20.93 -34.41
N SER A 455 17.86 -22.01 -34.01
CA SER A 455 17.20 -23.26 -33.67
C SER A 455 17.77 -23.80 -32.37
N SER A 456 16.92 -24.50 -31.60
CA SER A 456 17.38 -25.09 -30.35
C SER A 456 18.40 -26.19 -30.58
N GLU A 457 18.33 -26.88 -31.72
CA GLU A 457 19.29 -27.93 -32.02
C GLU A 457 20.67 -27.35 -32.29
N GLN A 458 20.75 -26.33 -33.13
CA GLN A 458 22.04 -25.72 -33.47
C GLN A 458 22.56 -24.82 -32.35
N LYS A 459 21.67 -24.10 -31.68
CA LYS A 459 22.03 -23.12 -30.65
C LYS A 459 22.91 -22.01 -31.20
N TRP A 460 22.71 -21.67 -32.48
CA TRP A 460 23.44 -20.57 -33.10
C TRP A 460 22.68 -20.09 -34.32
N MET A 461 22.99 -18.87 -34.74
CA MET A 461 22.41 -18.30 -35.95
C MET A 461 23.36 -17.23 -36.51
N ALA A 462 23.29 -17.02 -37.82
CA ALA A 462 24.18 -16.11 -38.52
C ALA A 462 23.56 -15.69 -39.84
N VAL A 463 24.05 -14.58 -40.39
CA VAL A 463 23.57 -14.05 -41.66
C VAL A 463 24.77 -13.66 -42.51
N LYS A 464 24.54 -13.56 -43.81
CA LYS A 464 25.54 -13.06 -44.76
C LYS A 464 25.05 -11.75 -45.35
N CYS A 465 25.89 -10.72 -45.29
CA CYS A 465 25.49 -9.38 -45.68
C CYS A 465 26.65 -8.63 -46.29
N VAL A 466 26.33 -7.56 -47.02
CA VAL A 466 27.32 -6.68 -47.63
C VAL A 466 26.95 -5.24 -47.27
N HIS A 467 27.93 -4.35 -47.40
CA HIS A 467 27.70 -2.94 -47.11
C HIS A 467 26.74 -2.34 -48.13
N ARG A 468 25.82 -1.50 -47.65
CA ARG A 468 24.82 -0.90 -48.54
C ARG A 468 25.46 0.02 -49.58
N THR A 469 26.39 0.87 -49.15
CA THR A 469 27.06 1.80 -50.05
C THR A 469 28.39 1.27 -50.57
N GLN A 470 28.80 0.07 -50.15
CA GLN A 470 30.08 -0.51 -50.56
C GLN A 470 29.86 -1.97 -50.97
N GLN A 471 28.86 -2.18 -51.84
CA GLN A 471 28.51 -3.52 -52.29
C GLN A 471 29.67 -4.23 -52.98
N ASP A 472 30.63 -3.48 -53.53
CA ASP A 472 31.80 -4.09 -54.14
C ASP A 472 32.69 -4.81 -53.14
N ARG A 473 32.55 -4.53 -51.85
CA ARG A 473 33.35 -5.20 -50.84
C ARG A 473 32.94 -6.68 -50.74
N PRO A 474 33.87 -7.55 -50.34
CA PRO A 474 33.53 -8.97 -50.21
C PRO A 474 32.49 -9.18 -49.11
N GLU A 475 31.70 -10.25 -49.28
CA GLU A 475 30.64 -10.54 -48.32
C GLU A 475 31.22 -10.83 -46.95
N ILE A 476 30.57 -10.30 -45.92
CA ILE A 476 30.99 -10.48 -44.53
C ILE A 476 29.89 -11.22 -43.79
N CYS A 477 30.26 -12.32 -43.14
CA CYS A 477 29.33 -13.14 -42.37
C CYS A 477 29.57 -12.86 -40.88
N PHE A 478 28.51 -12.47 -40.18
CA PHE A 478 28.58 -12.21 -38.75
C PHE A 478 27.97 -13.39 -37.99
N MET A 479 28.68 -13.87 -36.98
CA MET A 479 28.38 -15.14 -36.33
C MET A 479 28.20 -14.92 -34.84
N LYS A 480 27.23 -15.63 -34.26
CA LYS A 480 26.99 -15.57 -32.82
C LYS A 480 26.24 -16.81 -32.37
N GLY A 481 26.26 -17.04 -31.06
CA GLY A 481 25.61 -18.21 -30.50
C GLY A 481 26.36 -18.70 -29.27
N ALA A 482 26.09 -19.94 -28.91
CA ALA A 482 26.77 -20.56 -27.78
C ALA A 482 28.26 -20.72 -28.08
N TYR A 483 29.08 -20.65 -27.03
CA TYR A 483 30.53 -20.65 -27.22
C TYR A 483 31.00 -21.96 -27.83
N GLU A 484 30.43 -23.08 -27.40
CA GLU A 484 30.87 -24.38 -27.91
C GLU A 484 30.57 -24.52 -29.40
N GLN A 485 29.56 -23.82 -29.91
CA GLN A 485 29.21 -23.88 -31.32
C GLN A 485 29.91 -22.80 -32.13
N VAL A 486 30.08 -21.60 -31.57
CA VAL A 486 30.75 -20.52 -32.30
C VAL A 486 32.21 -20.85 -32.52
N ILE A 487 32.89 -21.37 -31.50
CA ILE A 487 34.33 -21.61 -31.58
C ILE A 487 34.67 -22.69 -32.60
N LYS A 488 33.71 -23.54 -32.98
CA LYS A 488 33.98 -24.57 -33.97
C LYS A 488 34.22 -23.97 -35.35
N TYR A 489 33.48 -22.91 -35.70
CA TYR A 489 33.62 -22.28 -37.00
C TYR A 489 34.70 -21.20 -37.03
N CYS A 490 35.37 -20.94 -35.91
CA CYS A 490 36.38 -19.91 -35.82
C CYS A 490 37.76 -20.52 -35.93
N THR A 491 38.60 -19.95 -36.80
CA THR A 491 39.96 -20.42 -37.00
C THR A 491 41.02 -19.39 -36.64
N THR A 492 40.68 -18.10 -36.64
CA THR A 492 41.63 -17.03 -36.34
C THR A 492 40.97 -16.03 -35.39
N TYR A 493 41.81 -15.17 -34.80
CA TYR A 493 41.34 -14.12 -33.91
C TYR A 493 42.21 -12.88 -34.11
N GLN A 494 41.65 -11.73 -33.73
CA GLN A 494 42.35 -10.46 -33.86
C GLN A 494 43.12 -10.14 -32.59
N SER A 495 44.37 -9.70 -32.77
CA SER A 495 45.24 -9.37 -31.65
C SER A 495 45.86 -8.01 -31.90
N LYS A 496 45.30 -6.97 -31.29
CA LYS A 496 45.78 -5.59 -31.43
C LYS A 496 45.87 -5.17 -32.89
N GLY A 497 44.84 -5.50 -33.66
CA GLY A 497 44.79 -5.17 -35.06
C GLY A 497 45.43 -6.19 -35.97
N GLN A 498 46.02 -7.25 -35.43
CA GLN A 498 46.67 -8.29 -36.22
C GLN A 498 45.90 -9.60 -36.09
N THR A 499 45.69 -10.26 -37.22
CA THR A 499 44.95 -11.53 -37.24
C THR A 499 45.93 -12.68 -37.01
N LEU A 500 45.67 -13.47 -35.96
CA LEU A 500 46.53 -14.58 -35.59
C LEU A 500 45.71 -15.87 -35.52
N THR A 501 46.38 -16.99 -35.76
CA THR A 501 45.73 -18.28 -35.72
C THR A 501 45.30 -18.62 -34.29
N LEU A 502 44.11 -19.23 -34.17
CA LEU A 502 43.57 -19.60 -32.86
C LEU A 502 44.21 -20.90 -32.40
N THR A 503 44.89 -20.85 -31.26
CA THR A 503 45.56 -22.04 -30.73
C THR A 503 44.77 -22.61 -29.55
N GLN A 504 45.26 -23.73 -29.03
CA GLN A 504 44.58 -24.41 -27.94
C GLN A 504 44.66 -23.62 -26.64
N GLN A 505 45.78 -22.94 -26.40
CA GLN A 505 45.93 -22.16 -25.17
C GLN A 505 44.92 -21.02 -25.13
N GLN A 506 44.73 -20.32 -26.25
CA GLN A 506 43.75 -19.24 -26.28
C GLN A 506 42.33 -19.78 -26.17
N ARG A 507 42.09 -20.98 -26.70
CA ARG A 507 40.78 -21.62 -26.50
C ARG A 507 40.54 -21.93 -25.03
N ASP A 508 41.57 -22.40 -24.32
CA ASP A 508 41.43 -22.66 -22.89
C ASP A 508 41.21 -21.36 -22.12
N VAL A 509 41.89 -20.29 -22.51
CA VAL A 509 41.67 -18.98 -21.88
C VAL A 509 40.23 -18.53 -22.11
N TYR A 510 39.72 -18.72 -23.33
CA TYR A 510 38.34 -18.38 -23.64
C TYR A 510 37.38 -19.18 -22.79
N GLN A 511 37.64 -20.47 -22.62
CA GLN A 511 36.78 -21.33 -21.81
C GLN A 511 36.79 -20.90 -20.35
N GLN A 512 37.96 -20.55 -19.82
CA GLN A 512 38.03 -20.12 -18.42
C GLN A 512 37.34 -18.78 -18.23
N GLU A 513 37.44 -17.89 -19.22
CA GLU A 513 36.68 -16.63 -19.16
C GLU A 513 35.19 -16.90 -19.18
N LYS A 514 34.74 -17.83 -20.01
CA LYS A 514 33.32 -18.18 -20.06
C LYS A 514 32.86 -18.76 -18.74
N ALA A 515 33.68 -19.62 -18.13
CA ALA A 515 33.33 -20.19 -16.83
C ALA A 515 33.26 -19.12 -15.75
N ARG A 516 34.20 -18.17 -15.77
CA ARG A 516 34.17 -17.09 -14.80
C ARG A 516 32.93 -16.24 -14.96
N MET A 517 32.55 -15.93 -16.21
CA MET A 517 31.33 -15.18 -16.46
C MET A 517 30.10 -15.93 -15.99
N GLY A 518 30.05 -17.24 -16.27
CA GLY A 518 28.90 -18.04 -15.85
C GLY A 518 28.78 -18.12 -14.34
N SER A 519 29.91 -18.25 -13.65
CA SER A 519 29.88 -18.28 -12.19
C SER A 519 29.42 -16.96 -11.59
N ALA A 520 29.47 -15.87 -12.34
CA ALA A 520 29.04 -14.57 -11.87
C ALA A 520 27.65 -14.17 -12.35
N GLY A 521 26.87 -15.13 -12.86
CA GLY A 521 25.51 -14.84 -13.29
C GLY A 521 25.37 -14.30 -14.69
N LEU A 522 26.45 -14.26 -15.47
CA LEU A 522 26.40 -13.76 -16.84
C LEU A 522 25.92 -14.86 -17.78
N ARG A 523 24.96 -14.51 -18.62
CA ARG A 523 24.54 -15.40 -19.70
C ARG A 523 25.51 -15.23 -20.86
N VAL A 524 26.29 -16.27 -21.12
CA VAL A 524 27.41 -16.20 -22.06
C VAL A 524 26.88 -16.31 -23.48
N LEU A 525 27.22 -15.34 -24.32
CA LEU A 525 26.94 -15.38 -25.75
C LEU A 525 28.21 -14.99 -26.50
N ALA A 526 28.54 -15.76 -27.53
CA ALA A 526 29.76 -15.55 -28.30
C ALA A 526 29.44 -14.81 -29.59
N LEU A 527 30.45 -14.13 -30.14
CA LEU A 527 30.30 -13.39 -31.39
C LEU A 527 31.52 -13.63 -32.27
N ALA A 528 31.31 -13.59 -33.58
CA ALA A 528 32.40 -13.80 -34.54
C ALA A 528 32.02 -13.16 -35.87
N SER A 529 33.04 -12.94 -36.70
CA SER A 529 32.84 -12.36 -38.03
C SER A 529 33.87 -12.94 -38.97
N GLY A 530 33.49 -13.07 -40.25
CA GLY A 530 34.39 -13.60 -41.25
C GLY A 530 33.78 -13.61 -42.63
N PRO A 531 34.58 -13.99 -43.63
CA PRO A 531 34.05 -14.00 -45.01
C PRO A 531 33.10 -15.15 -45.27
N GLU A 532 33.35 -16.33 -44.69
CA GLU A 532 32.51 -17.49 -44.91
C GLU A 532 32.52 -18.37 -43.67
N LEU A 533 31.50 -19.22 -43.56
CA LEU A 533 31.42 -20.14 -42.43
C LEU A 533 32.58 -21.13 -42.45
N GLY A 534 33.18 -21.35 -41.28
CA GLY A 534 34.33 -22.21 -41.15
C GLY A 534 35.66 -21.49 -41.17
N GLN A 535 35.70 -20.26 -41.66
CA GLN A 535 36.90 -19.43 -41.69
C GLN A 535 36.66 -18.12 -40.95
N LEU A 536 35.76 -18.16 -39.97
CA LEU A 536 35.37 -16.97 -39.23
C LEU A 536 36.45 -16.54 -38.25
N THR A 537 36.50 -15.25 -37.98
CA THR A 537 37.42 -14.67 -37.00
C THR A 537 36.65 -14.31 -35.75
N PHE A 538 37.09 -14.84 -34.60
CA PHE A 538 36.38 -14.59 -33.35
C PHE A 538 36.54 -13.13 -32.94
N LEU A 539 35.54 -12.61 -32.22
CA LEU A 539 35.54 -11.23 -31.78
C LEU A 539 35.58 -11.08 -30.26
N GLY A 540 34.68 -11.76 -29.55
CA GLY A 540 34.68 -11.66 -28.11
C GLY A 540 33.39 -12.21 -27.52
N LEU A 541 33.29 -12.08 -26.20
CA LEU A 541 32.14 -12.55 -25.44
C LEU A 541 31.40 -11.37 -24.84
N VAL A 542 30.10 -11.55 -24.61
CA VAL A 542 29.25 -10.54 -23.99
C VAL A 542 28.54 -11.16 -22.80
N GLY A 543 28.52 -10.44 -21.69
CA GLY A 543 27.85 -10.90 -20.49
C GLY A 543 26.46 -10.31 -20.31
N ILE A 544 25.45 -11.16 -20.44
CA ILE A 544 24.05 -10.75 -20.30
C ILE A 544 23.55 -11.20 -18.93
N ILE A 545 22.96 -10.27 -18.18
CA ILE A 545 22.45 -10.56 -16.85
C ILE A 545 21.21 -9.70 -16.63
N ASP A 546 20.20 -10.29 -15.98
CA ASP A 546 19.03 -9.51 -15.58
C ASP A 546 19.43 -8.50 -14.52
N PRO A 547 19.47 -7.21 -14.85
CA PRO A 547 20.03 -6.23 -13.91
C PRO A 547 19.03 -5.87 -12.83
N PRO A 548 19.51 -5.50 -11.64
CA PRO A 548 18.60 -5.01 -10.60
C PRO A 548 18.03 -3.65 -10.97
N ARG A 549 16.93 -3.30 -10.33
CA ARG A 549 16.26 -2.04 -10.59
C ARG A 549 17.08 -0.88 -10.01
N THR A 550 16.53 0.32 -10.08
CA THR A 550 17.27 1.51 -9.65
C THR A 550 17.51 1.51 -8.14
N GLY A 551 16.43 1.46 -7.37
CA GLY A 551 16.53 1.55 -5.92
C GLY A 551 16.38 0.26 -5.16
N VAL A 552 16.50 -0.90 -5.82
CA VAL A 552 16.36 -2.17 -5.14
C VAL A 552 17.52 -2.39 -4.16
N LYS A 553 18.74 -2.02 -4.56
CA LYS A 553 19.90 -2.21 -3.70
C LYS A 553 19.78 -1.41 -2.41
N GLU A 554 19.47 -0.12 -2.52
CA GLU A 554 19.32 0.73 -1.34
C GLU A 554 18.15 0.27 -0.47
N ALA A 555 17.04 -0.12 -1.09
CA ALA A 555 15.89 -0.60 -0.33
C ALA A 555 16.24 -1.87 0.44
N VAL A 556 16.95 -2.80 -0.20
CA VAL A 556 17.36 -4.03 0.47
C VAL A 556 18.31 -3.74 1.61
N THR A 557 19.27 -2.83 1.40
CA THR A 557 20.20 -2.47 2.46
C THR A 557 19.47 -1.85 3.65
N THR A 558 18.54 -0.94 3.38
CA THR A 558 17.79 -0.32 4.46
C THR A 558 16.93 -1.33 5.21
N LEU A 559 16.27 -2.24 4.48
CA LEU A 559 15.43 -3.24 5.13
C LEU A 559 16.27 -4.20 5.98
N ILE A 560 17.44 -4.60 5.49
CA ILE A 560 18.30 -5.51 6.25
C ILE A 560 18.91 -4.80 7.47
N ALA A 561 19.27 -3.53 7.34
CA ALA A 561 19.89 -2.81 8.46
C ALA A 561 18.94 -2.69 9.65
N SER A 562 17.65 -2.43 9.40
CA SER A 562 16.68 -2.38 10.49
C SER A 562 16.53 -3.73 11.17
N GLY A 563 16.54 -4.80 10.39
CA GLY A 563 16.39 -6.14 10.93
C GLY A 563 15.40 -6.99 10.16
N VAL A 564 14.80 -6.42 9.12
CA VAL A 564 13.82 -7.12 8.30
C VAL A 564 14.57 -8.03 7.34
N SER A 565 14.52 -9.33 7.60
CA SER A 565 15.18 -10.29 6.72
C SER A 565 14.45 -10.39 5.40
N ILE A 566 15.22 -10.53 4.32
CA ILE A 566 14.69 -10.61 2.97
C ILE A 566 15.07 -11.96 2.39
N LYS A 567 14.06 -12.71 1.93
CA LYS A 567 14.25 -14.01 1.32
C LYS A 567 13.95 -13.93 -0.17
N MET A 568 14.84 -14.51 -0.98
CA MET A 568 14.74 -14.44 -2.43
C MET A 568 14.49 -15.82 -2.98
N ILE A 569 13.46 -15.95 -3.83
CA ILE A 569 13.10 -17.20 -4.47
C ILE A 569 13.02 -16.95 -5.98
N THR A 570 13.69 -17.79 -6.76
CA THR A 570 13.73 -17.64 -8.20
C THR A 570 13.72 -19.02 -8.85
N GLY A 571 13.82 -19.04 -10.18
CA GLY A 571 13.78 -20.29 -10.92
C GLY A 571 14.98 -20.50 -11.83
N ASP A 572 15.98 -19.62 -11.73
CA ASP A 572 17.17 -19.71 -12.55
C ASP A 572 18.20 -20.61 -11.88
N SER A 573 19.43 -20.60 -12.39
CA SER A 573 20.49 -21.45 -11.88
C SER A 573 21.03 -20.90 -10.57
N GLN A 574 21.86 -21.71 -9.89
CA GLN A 574 22.45 -21.29 -8.62
C GLN A 574 23.38 -20.09 -8.79
N GLU A 575 24.18 -20.09 -9.86
CA GLU A 575 25.16 -19.03 -10.06
C GLU A 575 24.50 -17.66 -10.21
N THR A 576 23.46 -17.58 -11.05
CA THR A 576 22.79 -16.30 -11.26
C THR A 576 22.11 -15.82 -9.99
N ALA A 577 21.44 -16.72 -9.27
CA ALA A 577 20.77 -16.33 -8.03
C ALA A 577 21.76 -15.85 -6.98
N VAL A 578 22.87 -16.57 -6.81
CA VAL A 578 23.86 -16.15 -5.82
C VAL A 578 24.55 -14.86 -6.22
N ALA A 579 24.79 -14.65 -7.52
CA ALA A 579 25.37 -13.38 -7.96
C ALA A 579 24.41 -12.23 -7.71
N ILE A 580 23.12 -12.43 -7.97
CA ILE A 580 22.13 -11.39 -7.70
C ILE A 580 22.07 -11.08 -6.21
N ALA A 581 22.08 -12.14 -5.37
CA ALA A 581 22.04 -11.92 -3.93
C ALA A 581 23.27 -11.18 -3.44
N SER A 582 24.46 -11.55 -3.94
CA SER A 582 25.68 -10.88 -3.53
C SER A 582 25.73 -9.43 -3.99
N ARG A 583 25.29 -9.15 -5.21
CA ARG A 583 25.32 -7.79 -5.74
C ARG A 583 24.26 -6.89 -5.12
N LEU A 584 23.28 -7.45 -4.41
CA LEU A 584 22.24 -6.67 -3.77
C LEU A 584 22.44 -6.54 -2.26
N GLY A 585 22.97 -7.57 -1.61
CA GLY A 585 23.21 -7.51 -0.18
C GLY A 585 22.49 -8.61 0.58
N LEU A 586 21.66 -9.39 -0.11
CA LEU A 586 20.93 -10.47 0.55
C LEU A 586 21.88 -11.54 1.07
N TYR A 587 22.89 -11.91 0.27
CA TYR A 587 23.84 -12.92 0.68
C TYR A 587 24.78 -12.37 1.74
N SER A 588 25.21 -13.24 2.66
CA SER A 588 26.11 -12.87 3.73
C SER A 588 27.16 -13.96 3.88
N LYS A 589 28.01 -13.81 4.90
CA LYS A 589 29.06 -14.81 5.14
C LYS A 589 28.45 -16.15 5.51
N THR A 590 27.44 -16.15 6.38
CA THR A 590 26.76 -17.36 6.82
C THR A 590 25.35 -17.39 6.25
N SER A 591 25.24 -17.94 5.05
CA SER A 591 23.95 -18.06 4.38
C SER A 591 24.02 -19.18 3.35
N GLN A 592 23.13 -20.16 3.48
CA GLN A 592 23.10 -21.31 2.60
C GLN A 592 22.08 -21.09 1.49
N SER A 593 21.81 -22.14 0.73
CA SER A 593 20.81 -22.10 -0.34
C SER A 593 20.21 -23.49 -0.51
N VAL A 594 18.91 -23.55 -0.73
CA VAL A 594 18.19 -24.82 -0.84
C VAL A 594 17.67 -24.98 -2.26
N SER A 595 17.95 -26.15 -2.85
CA SER A 595 17.46 -26.45 -4.18
C SER A 595 15.97 -26.81 -4.14
N GLY A 596 15.32 -26.69 -5.31
CA GLY A 596 13.93 -27.08 -5.41
C GLY A 596 13.70 -28.56 -5.22
N GLU A 597 14.61 -29.38 -5.73
CA GLU A 597 14.50 -30.83 -5.53
C GLU A 597 14.62 -31.19 -4.06
N GLU A 598 15.54 -30.54 -3.34
CA GLU A 598 15.66 -30.77 -1.91
C GLU A 598 14.40 -30.33 -1.16
N ILE A 599 13.78 -29.23 -1.59
CA ILE A 599 12.52 -28.80 -0.98
C ILE A 599 11.43 -29.84 -1.24
N ASP A 600 11.40 -30.42 -2.45
CA ASP A 600 10.42 -31.44 -2.76
C ASP A 600 10.63 -32.72 -1.94
N ALA A 601 11.89 -33.13 -1.76
CA ALA A 601 12.17 -34.39 -1.07
C ALA A 601 11.78 -34.34 0.40
N MET A 602 12.22 -33.32 1.12
CA MET A 602 11.87 -33.14 2.53
C MET A 602 11.17 -31.79 2.67
N ASP A 603 10.10 -31.76 3.47
CA ASP A 603 9.08 -30.74 3.30
C ASP A 603 8.96 -29.76 4.46
N VAL A 604 8.66 -30.22 5.67
CA VAL A 604 8.13 -29.35 6.72
C VAL A 604 8.97 -29.40 8.00
N GLN A 605 9.38 -30.59 8.44
CA GLN A 605 9.90 -30.71 9.80
C GLN A 605 11.33 -30.22 9.95
N GLN A 606 12.25 -30.69 9.11
CA GLN A 606 13.67 -30.40 9.29
C GLN A 606 14.16 -29.26 8.40
N LEU A 607 13.27 -28.48 7.78
CA LEU A 607 13.71 -27.32 7.02
C LEU A 607 13.54 -26.02 7.80
N SER A 608 12.61 -25.98 8.76
CA SER A 608 12.41 -24.79 9.56
C SER A 608 13.61 -24.45 10.43
N GLN A 609 14.48 -25.42 10.70
CA GLN A 609 15.73 -25.18 11.42
C GLN A 609 16.81 -24.59 10.54
N ILE A 610 16.60 -24.55 9.22
CA ILE A 610 17.57 -23.96 8.30
C ILE A 610 17.00 -22.81 7.50
N VAL A 611 15.69 -22.58 7.51
CA VAL A 611 15.07 -21.49 6.74
C VAL A 611 15.41 -20.11 7.31
N PRO A 612 15.65 -19.91 8.61
CA PRO A 612 16.05 -18.56 9.06
C PRO A 612 17.44 -18.15 8.60
N LYS A 613 18.27 -19.09 8.15
CA LYS A 613 19.63 -18.81 7.71
C LYS A 613 19.81 -19.05 6.21
N VAL A 614 18.73 -18.90 5.45
CA VAL A 614 18.75 -19.08 4.01
C VAL A 614 18.09 -17.87 3.34
N ALA A 615 18.58 -17.55 2.15
CA ALA A 615 18.04 -16.42 1.40
C ALA A 615 17.83 -16.67 -0.08
N VAL A 616 18.30 -17.79 -0.63
CA VAL A 616 18.24 -18.04 -2.07
C VAL A 616 17.49 -19.34 -2.31
N PHE A 617 16.47 -19.27 -3.18
CA PHE A 617 15.74 -20.45 -3.64
C PHE A 617 15.73 -20.41 -5.16
N TYR A 618 16.36 -21.41 -5.79
CA TYR A 618 16.46 -21.48 -7.23
C TYR A 618 15.75 -22.73 -7.75
N ARG A 619 15.26 -22.63 -8.99
CA ARG A 619 14.53 -23.72 -9.65
C ARG A 619 13.34 -24.16 -8.79
N ALA A 620 12.60 -23.17 -8.29
CA ALA A 620 11.49 -23.38 -7.38
C ALA A 620 10.19 -23.56 -8.15
N SER A 621 9.09 -23.64 -7.43
CA SER A 621 7.78 -23.89 -8.00
C SER A 621 6.73 -23.38 -7.02
N PRO A 622 5.49 -23.18 -7.48
CA PRO A 622 4.42 -22.78 -6.54
C PRO A 622 4.23 -23.76 -5.39
N ARG A 623 4.43 -25.05 -5.63
CA ARG A 623 4.42 -26.01 -4.54
C ARG A 623 5.54 -25.72 -3.54
N HIS A 624 6.74 -25.41 -4.05
CA HIS A 624 7.82 -25.00 -3.17
C HIS A 624 7.51 -23.68 -2.48
N LYS A 625 6.78 -22.78 -3.15
CA LYS A 625 6.35 -21.55 -2.50
C LYS A 625 5.43 -21.86 -1.32
N MET A 626 4.46 -22.76 -1.50
CA MET A 626 3.61 -23.16 -0.38
C MET A 626 4.43 -23.82 0.72
N LYS A 627 5.40 -24.63 0.35
CA LYS A 627 6.21 -25.32 1.36
C LYS A 627 7.00 -24.33 2.20
N ILE A 628 7.68 -23.38 1.55
CA ILE A 628 8.45 -22.39 2.31
C ILE A 628 7.53 -21.47 3.10
N ILE A 629 6.33 -21.18 2.57
CA ILE A 629 5.36 -20.38 3.31
C ILE A 629 4.95 -21.09 4.60
N LYS A 630 4.65 -22.39 4.50
CA LYS A 630 4.26 -23.14 5.68
C LYS A 630 5.40 -23.22 6.69
N SER A 631 6.62 -23.44 6.21
CA SER A 631 7.77 -23.51 7.12
C SER A 631 8.00 -22.17 7.81
N LEU A 632 7.92 -21.06 7.07
CA LEU A 632 8.15 -19.75 7.65
C LEU A 632 7.03 -19.34 8.60
N GLN A 633 5.82 -19.84 8.38
CA GLN A 633 4.72 -19.61 9.31
C GLN A 633 4.75 -20.56 10.51
N LYS A 634 5.49 -21.66 10.42
CA LYS A 634 5.53 -22.61 11.53
C LYS A 634 6.21 -22.01 12.76
N ASN A 635 7.40 -21.42 12.58
CA ASN A 635 8.09 -20.83 13.72
C ASN A 635 7.44 -19.52 14.17
N GLY A 636 6.68 -18.89 13.28
CA GLY A 636 5.97 -17.67 13.64
C GLY A 636 6.60 -16.41 13.09
N SER A 637 6.03 -15.89 12.00
CA SER A 637 6.53 -14.67 11.38
C SER A 637 5.47 -14.15 10.40
N VAL A 638 5.71 -12.96 9.89
CA VAL A 638 4.86 -12.33 8.88
C VAL A 638 5.62 -12.33 7.57
N VAL A 639 5.06 -13.01 6.57
CA VAL A 639 5.73 -13.17 5.28
C VAL A 639 5.10 -12.22 4.27
N ALA A 640 5.86 -11.89 3.24
CA ALA A 640 5.43 -10.99 2.17
C ALA A 640 5.56 -11.68 0.81
N MET A 641 5.03 -12.89 0.72
CA MET A 641 5.08 -13.67 -0.51
C MET A 641 4.44 -12.91 -1.66
N THR A 642 5.11 -12.88 -2.80
CA THR A 642 4.62 -12.23 -4.01
C THR A 642 4.39 -13.27 -5.10
N GLY A 643 3.77 -12.82 -6.18
CA GLY A 643 3.50 -13.70 -7.31
C GLY A 643 2.33 -13.24 -8.16
N ASP A 644 2.38 -13.55 -9.45
CA ASP A 644 1.33 -13.18 -10.38
C ASP A 644 0.94 -14.38 -11.24
N GLY A 645 -0.32 -14.42 -11.64
CA GLY A 645 -0.81 -15.51 -12.48
C GLY A 645 -1.89 -16.33 -11.82
N VAL A 646 -1.99 -17.60 -12.20
CA VAL A 646 -3.01 -18.49 -11.64
C VAL A 646 -2.40 -19.44 -10.61
N ASN A 647 -1.19 -19.92 -10.87
CA ASN A 647 -0.55 -20.86 -9.96
C ASN A 647 -0.17 -20.21 -8.62
N ASP A 648 -0.10 -18.89 -8.56
CA ASP A 648 0.27 -18.17 -7.35
C ASP A 648 -0.95 -17.65 -6.59
N ALA A 649 -2.09 -18.34 -6.71
CA ALA A 649 -3.30 -17.89 -6.03
C ALA A 649 -3.35 -18.39 -4.59
N VAL A 650 -3.15 -19.69 -4.39
CA VAL A 650 -3.17 -20.25 -3.04
C VAL A 650 -2.01 -19.71 -2.22
N ALA A 651 -0.85 -19.46 -2.86
CA ALA A 651 0.29 -18.88 -2.18
C ALA A 651 -0.01 -17.50 -1.61
N LEU A 652 -0.97 -16.78 -2.18
CA LEU A 652 -1.41 -15.50 -1.64
C LEU A 652 -2.66 -15.62 -0.78
N LYS A 653 -3.39 -16.74 -0.89
CA LYS A 653 -4.57 -16.96 -0.06
C LYS A 653 -4.19 -17.43 1.34
N ALA A 654 -3.49 -18.57 1.43
CA ALA A 654 -3.23 -19.21 2.71
C ALA A 654 -2.11 -18.54 3.49
N ALA A 655 -1.34 -17.65 2.89
CA ALA A 655 -0.18 -17.06 3.53
C ALA A 655 -0.52 -15.72 4.15
N ASP A 656 0.52 -14.98 4.56
CA ASP A 656 0.39 -13.62 5.07
C ASP A 656 0.21 -12.65 3.90
N ILE A 657 0.44 -11.36 4.14
CA ILE A 657 0.10 -10.30 3.19
C ILE A 657 0.56 -10.65 1.79
N GLY A 658 -0.40 -10.69 0.86
CA GLY A 658 -0.13 -11.08 -0.52
C GLY A 658 0.18 -9.92 -1.43
N VAL A 659 1.40 -9.39 -1.34
CA VAL A 659 1.82 -8.31 -2.21
C VAL A 659 1.81 -8.82 -3.64
N ALA A 660 0.94 -8.26 -4.47
CA ALA A 660 0.79 -8.66 -5.86
C ALA A 660 1.04 -7.48 -6.78
N MET A 661 1.04 -7.76 -8.09
CA MET A 661 1.36 -6.77 -9.10
C MET A 661 0.14 -6.54 -9.98
N GLY A 662 -0.24 -5.28 -10.16
CA GLY A 662 -1.35 -4.90 -11.00
C GLY A 662 -1.00 -4.62 -12.45
N GLN A 663 0.27 -4.73 -12.84
CA GLN A 663 0.68 -4.48 -14.21
C GLN A 663 0.70 -5.76 -15.04
N THR A 664 1.51 -6.72 -14.63
CA THR A 664 1.61 -8.01 -15.31
C THR A 664 0.79 -9.10 -14.65
N GLY A 665 0.10 -8.80 -13.55
CA GLY A 665 -0.70 -9.80 -12.87
C GLY A 665 -2.05 -10.01 -13.50
N THR A 666 -2.74 -11.04 -13.01
CA THR A 666 -4.08 -11.36 -13.47
C THR A 666 -5.11 -10.86 -12.47
N ASP A 667 -6.39 -11.08 -12.80
CA ASP A 667 -7.46 -10.64 -11.92
C ASP A 667 -7.57 -11.50 -10.67
N VAL A 668 -7.01 -12.71 -10.69
CA VAL A 668 -7.07 -13.58 -9.52
C VAL A 668 -6.30 -12.95 -8.35
N CYS A 669 -5.06 -12.53 -8.60
CA CYS A 669 -4.24 -11.91 -7.57
C CYS A 669 -4.71 -10.49 -7.22
N LYS A 670 -5.63 -9.93 -8.00
CA LYS A 670 -6.15 -8.60 -7.72
C LYS A 670 -7.52 -8.63 -7.03
N GLU A 671 -8.22 -9.77 -7.08
CA GLU A 671 -9.52 -9.91 -6.45
C GLU A 671 -9.50 -10.84 -5.25
N ALA A 672 -8.93 -12.03 -5.39
CA ALA A 672 -8.91 -13.04 -4.33
C ALA A 672 -7.58 -13.05 -3.58
N ALA A 673 -6.98 -11.89 -3.38
CA ALA A 673 -5.69 -11.80 -2.70
C ALA A 673 -5.65 -10.48 -1.92
N ASP A 674 -4.47 -10.08 -1.50
CA ASP A 674 -4.24 -8.90 -0.68
C ASP A 674 -3.77 -7.73 -1.54
N MET A 675 -3.30 -6.68 -0.88
CA MET A 675 -2.91 -5.44 -1.53
C MET A 675 -2.00 -5.70 -2.74
N ILE A 676 -2.11 -4.81 -3.73
CA ILE A 676 -1.46 -4.99 -5.02
C ILE A 676 -0.61 -3.76 -5.33
N LEU A 677 0.39 -3.94 -6.17
CA LEU A 677 1.24 -2.85 -6.63
C LEU A 677 0.97 -2.57 -8.10
N VAL A 678 0.93 -1.28 -8.45
CA VAL A 678 0.65 -0.86 -9.83
C VAL A 678 1.92 -0.58 -10.63
N ASP A 679 3.10 -0.57 -9.98
CA ASP A 679 4.35 -0.29 -10.66
C ASP A 679 5.27 -1.50 -10.76
N ASP A 680 4.99 -2.58 -10.03
CA ASP A 680 5.81 -3.79 -10.04
C ASP A 680 7.26 -3.47 -9.65
N ASP A 681 7.40 -2.88 -8.46
CA ASP A 681 8.71 -2.50 -7.95
C ASP A 681 8.79 -2.86 -6.47
N PHE A 682 10.02 -3.06 -6.00
CA PHE A 682 10.27 -3.40 -4.61
C PHE A 682 10.34 -2.19 -3.69
N GLN A 683 10.35 -0.98 -4.25
CA GLN A 683 10.48 0.24 -3.45
C GLN A 683 9.16 0.68 -2.81
N THR A 684 8.06 0.02 -3.13
CA THR A 684 6.75 0.41 -2.62
C THR A 684 6.38 -0.31 -1.32
N ILE A 685 7.25 -1.16 -0.80
CA ILE A 685 6.98 -1.85 0.45
C ILE A 685 7.38 -1.01 1.66
N MET A 686 8.56 -0.37 1.58
CA MET A 686 9.00 0.49 2.68
C MET A 686 8.06 1.67 2.87
N SER A 687 7.45 2.17 1.78
CA SER A 687 6.47 3.24 1.92
C SER A 687 5.27 2.78 2.74
N ALA A 688 4.76 1.58 2.46
CA ALA A 688 3.65 1.04 3.23
C ALA A 688 4.04 0.81 4.68
N ILE A 689 5.25 0.29 4.92
CA ILE A 689 5.71 0.06 6.28
C ILE A 689 5.80 1.38 7.04
N GLU A 690 6.36 2.41 6.40
CA GLU A 690 6.47 3.71 7.04
C GLU A 690 5.10 4.31 7.31
N GLU A 691 4.16 4.16 6.38
CA GLU A 691 2.81 4.67 6.61
C GLU A 691 2.14 3.96 7.78
N GLY A 692 2.30 2.64 7.87
CA GLY A 692 1.73 1.91 9.00
C GLY A 692 2.35 2.32 10.33
N LYS A 693 3.67 2.48 10.35
CA LYS A 693 4.34 2.92 11.57
C LYS A 693 3.94 4.34 11.94
N GLY A 694 3.75 5.21 10.96
CA GLY A 694 3.26 6.55 11.25
C GLY A 694 1.85 6.55 11.79
N ILE A 695 0.99 5.67 11.27
CA ILE A 695 -0.36 5.52 11.81
C ILE A 695 -0.29 5.06 13.26
N TYR A 696 0.57 4.08 13.55
CA TYR A 696 0.74 3.61 14.92
C TYR A 696 1.23 4.73 15.83
N ASN A 697 2.20 5.53 15.35
CA ASN A 697 2.72 6.63 16.15
C ASN A 697 1.65 7.68 16.40
N ASN A 698 0.83 7.98 15.39
CA ASN A 698 -0.25 8.95 15.57
C ASN A 698 -1.28 8.45 16.59
N ILE A 699 -1.61 7.15 16.51
CA ILE A 699 -2.53 6.57 17.50
C ILE A 699 -1.95 6.66 18.89
N LYS A 700 -0.65 6.35 19.03
CA LYS A 700 0.00 6.43 20.33
C LYS A 700 -0.01 7.87 20.86
N ASN A 701 0.28 8.83 19.99
CA ASN A 701 0.28 10.24 20.42
C ASN A 701 -1.12 10.68 20.85
N PHE A 702 -2.15 10.30 20.10
CA PHE A 702 -3.51 10.67 20.47
C PHE A 702 -3.90 10.04 21.81
N VAL A 703 -3.56 8.77 22.00
CA VAL A 703 -3.87 8.09 23.26
C VAL A 703 -3.14 8.76 24.41
N ARG A 704 -1.86 9.08 24.22
CA ARG A 704 -1.08 9.74 25.27
C ARG A 704 -1.68 11.08 25.64
N PHE A 705 -2.01 11.91 24.63
CA PHE A 705 -2.56 13.23 24.92
C PHE A 705 -3.92 13.13 25.62
N GLN A 706 -4.79 12.25 25.13
CA GLN A 706 -6.10 12.10 25.75
C GLN A 706 -5.99 11.61 27.19
N LEU A 707 -5.14 10.62 27.43
CA LEU A 707 -4.96 10.12 28.79
C LEU A 707 -4.38 11.19 29.69
N SER A 708 -3.39 11.95 29.20
CA SER A 708 -2.78 12.99 30.02
C SER A 708 -3.79 14.06 30.39
N THR A 709 -4.56 14.55 29.42
CA THR A 709 -5.52 15.61 29.73
C THR A 709 -6.65 15.10 30.62
N SER A 710 -7.13 13.88 30.39
CA SER A 710 -8.18 13.34 31.25
C SER A 710 -7.69 13.15 32.67
N ILE A 711 -6.48 12.62 32.84
CA ILE A 711 -5.93 12.42 34.18
C ILE A 711 -5.72 13.76 34.87
N ALA A 712 -5.21 14.76 34.15
CA ALA A 712 -5.00 16.08 34.74
C ALA A 712 -6.33 16.70 35.19
N ALA A 713 -7.35 16.63 34.34
CA ALA A 713 -8.64 17.21 34.71
C ALA A 713 -9.26 16.47 35.90
N LEU A 714 -9.20 15.14 35.90
CA LEU A 714 -9.76 14.37 37.00
C LEU A 714 -9.03 14.65 38.30
N THR A 715 -7.69 14.74 38.25
CA THR A 715 -6.91 15.05 39.44
C THR A 715 -7.23 16.45 39.96
N LEU A 716 -7.38 17.42 39.06
CA LEU A 716 -7.72 18.78 39.49
C LEU A 716 -9.08 18.80 40.17
N ILE A 717 -10.07 18.13 39.58
CA ILE A 717 -11.41 18.14 40.16
C ILE A 717 -11.42 17.40 41.50
N SER A 718 -10.70 16.28 41.59
CA SER A 718 -10.64 15.54 42.85
C SER A 718 -9.96 16.37 43.94
N LEU A 719 -8.87 17.07 43.59
CA LEU A 719 -8.19 17.92 44.56
C LEU A 719 -9.04 19.11 44.97
N ALA A 720 -9.90 19.61 44.08
CA ALA A 720 -10.82 20.66 44.48
C ALA A 720 -11.95 20.14 45.36
N THR A 721 -12.42 18.91 45.11
CA THR A 721 -13.54 18.36 45.84
C THR A 721 -13.14 17.87 47.23
N LEU A 722 -11.91 17.38 47.37
CA LEU A 722 -11.53 16.59 48.56
C LEU A 722 -11.74 17.37 49.85
N MET A 723 -11.18 18.58 49.96
CA MET A 723 -11.34 19.37 51.17
C MET A 723 -12.31 20.54 50.98
N ASN A 724 -13.37 20.33 50.19
CA ASN A 724 -14.42 21.33 49.99
C ASN A 724 -13.87 22.63 49.42
N PHE A 725 -12.80 22.52 48.63
CA PHE A 725 -12.24 23.70 47.98
C PHE A 725 -13.17 24.17 46.87
N PRO A 726 -13.31 25.48 46.67
CA PRO A 726 -14.15 25.99 45.58
C PRO A 726 -13.57 25.60 44.22
N ASN A 727 -14.33 24.81 43.46
CA ASN A 727 -13.85 24.34 42.18
C ASN A 727 -13.74 25.49 41.17
N PRO A 728 -12.76 25.44 40.27
CA PRO A 728 -12.59 26.52 39.29
C PRO A 728 -13.31 26.30 37.96
N LEU A 729 -13.78 25.09 37.68
CA LEU A 729 -14.39 24.77 36.39
C LEU A 729 -15.82 24.31 36.60
N ASN A 730 -16.75 24.91 35.85
CA ASN A 730 -18.15 24.52 35.89
C ASN A 730 -18.44 23.58 34.73
N ALA A 731 -19.72 23.26 34.51
CA ALA A 731 -20.09 22.28 33.50
C ALA A 731 -19.72 22.74 32.09
N MET A 732 -20.00 24.01 31.77
CA MET A 732 -19.72 24.50 30.42
C MET A 732 -18.22 24.54 30.13
N GLN A 733 -17.42 24.95 31.11
CA GLN A 733 -15.96 24.97 30.92
C GLN A 733 -15.42 23.55 30.77
N ILE A 734 -15.96 22.60 31.53
CA ILE A 734 -15.55 21.20 31.38
C ILE A 734 -15.91 20.69 29.99
N LEU A 735 -17.10 21.04 29.49
CA LEU A 735 -17.49 20.64 28.15
C LEU A 735 -16.58 21.25 27.09
N TRP A 736 -16.19 22.52 27.28
CA TRP A 736 -15.28 23.15 26.33
C TRP A 736 -13.91 22.49 26.35
N ILE A 737 -13.43 22.12 27.55
CA ILE A 737 -12.18 21.38 27.62
C ILE A 737 -12.32 20.02 26.94
N ASN A 738 -13.47 19.37 27.08
CA ASN A 738 -13.70 18.08 26.44
C ASN A 738 -13.67 18.20 24.92
N ILE A 739 -14.37 19.20 24.37
CA ILE A 739 -14.36 19.38 22.92
C ILE A 739 -12.95 19.72 22.44
N ILE A 740 -12.19 20.47 23.25
CA ILE A 740 -10.80 20.73 22.90
C ILE A 740 -10.02 19.42 22.85
N MET A 741 -10.20 18.54 23.84
CA MET A 741 -9.46 17.29 23.87
C MET A 741 -10.05 16.23 22.94
N ASP A 742 -11.29 16.41 22.46
CA ASP A 742 -11.94 15.40 21.63
C ASP A 742 -12.65 16.04 20.44
N GLY A 743 -12.02 17.00 19.79
CA GLY A 743 -12.61 17.65 18.64
C GLY A 743 -11.61 17.94 17.55
N PRO A 744 -11.69 19.14 16.97
CA PRO A 744 -10.72 19.57 15.97
C PRO A 744 -9.29 19.35 16.43
N PRO A 745 -8.91 19.72 17.67
CA PRO A 745 -7.52 19.46 18.08
C PRO A 745 -7.20 17.98 18.17
N ALA A 746 -8.14 17.14 18.60
CA ALA A 746 -7.89 15.71 18.66
C ALA A 746 -7.66 15.14 17.27
N GLN A 747 -8.48 15.56 16.30
CA GLN A 747 -8.27 15.13 14.92
C GLN A 747 -6.96 15.66 14.34
N SER A 748 -6.59 16.88 14.70
CA SER A 748 -5.33 17.44 14.25
C SER A 748 -4.14 16.64 14.79
N LEU A 749 -4.21 16.22 16.05
CA LEU A 749 -3.17 15.36 16.60
C LEU A 749 -3.17 13.97 15.95
N GLY A 750 -4.36 13.41 15.69
CA GLY A 750 -4.43 12.10 15.09
C GLY A 750 -4.02 12.05 13.63
N VAL A 751 -4.11 13.17 12.93
CA VAL A 751 -3.71 13.26 11.53
C VAL A 751 -2.36 13.98 11.48
N GLU A 752 -1.30 13.26 11.10
CA GLU A 752 0.03 13.81 11.09
C GLU A 752 0.86 13.10 10.02
N PRO A 753 1.64 13.84 9.23
CA PRO A 753 2.52 13.19 8.27
C PRO A 753 3.58 12.34 8.95
N VAL A 754 3.97 11.26 8.28
CA VAL A 754 4.95 10.34 8.85
C VAL A 754 6.33 10.99 8.87
N ASP A 755 7.14 10.57 9.82
CA ASP A 755 8.51 11.04 9.97
C ASP A 755 9.48 10.03 9.36
N LYS A 756 10.52 10.53 8.71
CA LYS A 756 11.48 9.68 8.02
C LYS A 756 12.52 9.11 8.98
N ASP A 757 12.05 8.48 10.05
CA ASP A 757 12.92 7.81 11.00
C ASP A 757 12.40 6.45 11.44
N VAL A 758 11.16 6.08 11.11
CA VAL A 758 10.60 4.81 11.55
C VAL A 758 11.15 3.62 10.75
N ILE A 759 11.76 3.87 9.58
CA ILE A 759 12.30 2.78 8.79
C ILE A 759 13.50 2.11 9.46
N ARG A 760 14.16 2.80 10.39
CA ARG A 760 15.25 2.22 11.15
C ARG A 760 14.78 1.52 12.43
N LYS A 761 13.50 1.65 12.78
CA LYS A 761 12.98 1.02 13.98
C LYS A 761 12.86 -0.49 13.77
N PRO A 762 13.15 -1.28 14.80
CA PRO A 762 12.94 -2.73 14.68
C PRO A 762 11.48 -3.04 14.47
N PRO A 763 11.18 -4.13 13.76
CA PRO A 763 9.77 -4.47 13.49
C PRO A 763 8.99 -4.69 14.77
N ARG A 764 7.73 -4.25 14.75
CA ARG A 764 6.86 -4.37 15.90
C ARG A 764 6.40 -5.82 16.08
N ASN A 765 6.35 -6.27 17.32
CA ASN A 765 5.87 -7.61 17.62
C ASN A 765 4.35 -7.62 17.76
N TRP A 766 3.76 -8.76 17.45
CA TRP A 766 2.31 -8.89 17.54
C TRP A 766 1.82 -8.78 18.98
N LYS A 767 2.57 -9.34 19.94
CA LYS A 767 2.20 -9.29 21.34
C LYS A 767 2.77 -8.02 22.00
N ASP A 768 2.28 -6.88 21.51
CA ASP A 768 2.71 -5.57 22.00
C ASP A 768 1.51 -4.81 22.54
N SER A 769 1.80 -3.73 23.27
CA SER A 769 0.79 -2.90 23.88
C SER A 769 1.04 -1.44 23.54
N ILE A 770 -0.05 -0.69 23.32
CA ILE A 770 0.06 0.72 22.98
C ILE A 770 0.63 1.51 24.16
N LEU A 771 0.13 1.23 25.36
CA LEU A 771 0.55 1.97 26.56
C LEU A 771 1.86 1.38 27.08
N THR A 772 2.96 1.95 26.62
CA THR A 772 4.28 1.54 27.07
C THR A 772 4.66 2.26 28.36
N LYS A 773 5.78 1.84 28.95
CA LYS A 773 6.22 2.43 30.22
C LYS A 773 6.61 3.89 30.03
N ASN A 774 7.34 4.20 28.96
CA ASN A 774 7.79 5.58 28.73
C ASN A 774 6.61 6.50 28.47
N LEU A 775 5.64 6.05 27.66
CA LEU A 775 4.47 6.87 27.38
C LEU A 775 3.65 7.12 28.64
N ILE A 776 3.50 6.09 29.47
CA ILE A 776 2.75 6.24 30.72
C ILE A 776 3.47 7.22 31.65
N LEU A 777 4.79 7.09 31.77
CA LEU A 777 5.56 7.99 32.62
C LEU A 777 5.43 9.42 32.13
N LYS A 778 5.51 9.64 30.82
CA LYS A 778 5.30 10.97 30.27
C LYS A 778 3.88 11.48 30.55
N ILE A 779 2.89 10.59 30.50
CA ILE A 779 1.52 10.99 30.79
C ILE A 779 1.40 11.51 32.22
N LEU A 780 1.91 10.76 33.19
CA LEU A 780 1.85 11.24 34.57
C LEU A 780 2.70 12.50 34.77
N VAL A 781 3.85 12.61 34.09
CA VAL A 781 4.67 13.81 34.25
C VAL A 781 3.91 15.04 33.76
N SER A 782 3.32 14.94 32.56
CA SER A 782 2.57 16.07 32.01
C SER A 782 1.36 16.40 32.87
N SER A 783 0.63 15.39 33.32
CA SER A 783 -0.54 15.64 34.16
C SER A 783 -0.15 16.30 35.47
N ILE A 784 0.94 15.85 36.10
CA ILE A 784 1.40 16.44 37.35
C ILE A 784 1.81 17.89 37.13
N ILE A 785 2.53 18.17 36.05
CA ILE A 785 2.96 19.53 35.78
C ILE A 785 1.75 20.44 35.55
N ILE A 786 0.78 19.99 34.76
CA ILE A 786 -0.39 20.80 34.48
C ILE A 786 -1.20 21.05 35.75
N VAL A 787 -1.39 20.01 36.57
CA VAL A 787 -2.15 20.15 37.81
C VAL A 787 -1.45 21.10 38.76
N CYS A 788 -0.12 20.97 38.89
CA CYS A 788 0.63 21.86 39.77
C CYS A 788 0.54 23.30 39.30
N GLY A 789 0.66 23.54 37.99
CA GLY A 789 0.55 24.90 37.48
C GLY A 789 -0.82 25.50 37.73
N THR A 790 -1.87 24.73 37.45
CA THR A 790 -3.22 25.24 37.68
C THR A 790 -3.48 25.51 39.15
N LEU A 791 -3.05 24.62 40.04
CA LEU A 791 -3.24 24.83 41.47
C LEU A 791 -2.45 26.04 41.96
N PHE A 792 -1.23 26.22 41.46
CA PHE A 792 -0.43 27.39 41.83
C PHE A 792 -1.11 28.68 41.39
N VAL A 793 -1.65 28.70 40.16
CA VAL A 793 -2.36 29.90 39.69
C VAL A 793 -3.58 30.16 40.56
N PHE A 794 -4.34 29.11 40.86
CA PHE A 794 -5.55 29.26 41.68
C PHE A 794 -5.22 29.80 43.06
N TRP A 795 -4.17 29.28 43.70
CA TRP A 795 -3.78 29.78 45.02
C TRP A 795 -3.20 31.19 44.95
N ARG A 796 -2.53 31.53 43.84
CA ARG A 796 -1.99 32.88 43.69
C ARG A 796 -3.09 33.92 43.55
N GLU A 797 -4.17 33.57 42.84
CA GLU A 797 -5.25 34.52 42.60
C GLU A 797 -6.22 34.61 43.78
N LEU A 798 -6.10 33.72 44.75
CA LEU A 798 -7.12 33.53 45.79
C LEU A 798 -6.60 33.96 47.15
N ARG A 799 -5.90 35.09 47.21
CA ARG A 799 -5.40 35.63 48.46
C ARG A 799 -6.42 36.49 49.20
N ASP A 800 -7.22 37.28 48.47
CA ASP A 800 -8.25 38.11 49.09
C ASP A 800 -9.53 37.33 49.39
N ASN A 801 -9.60 36.07 48.95
CA ASN A 801 -10.61 35.11 49.37
C ASN A 801 -12.00 35.35 48.78
N VAL A 802 -12.20 36.48 48.09
CA VAL A 802 -13.49 36.70 47.43
C VAL A 802 -13.28 37.22 46.01
N ILE A 803 -13.20 36.31 45.05
CA ILE A 803 -13.27 36.63 43.63
C ILE A 803 -14.02 35.51 42.92
N THR A 804 -15.26 35.76 42.53
CA THR A 804 -16.03 34.67 41.92
C THR A 804 -15.76 34.47 40.41
N PRO A 805 -15.69 35.54 39.56
CA PRO A 805 -15.56 35.25 38.12
C PRO A 805 -14.14 35.06 37.61
N ARG A 806 -13.19 35.79 38.21
CA ARG A 806 -11.85 35.87 37.64
C ARG A 806 -11.05 34.62 37.89
N ASP A 807 -11.19 34.01 39.08
CA ASP A 807 -10.48 32.77 39.35
C ASP A 807 -10.90 31.68 38.37
N THR A 808 -12.22 31.53 38.16
CA THR A 808 -12.70 30.52 37.22
C THR A 808 -12.25 30.83 35.80
N THR A 809 -12.35 32.10 35.38
CA THR A 809 -11.97 32.44 34.01
C THR A 809 -10.49 32.18 33.76
N MET A 810 -9.63 32.65 34.68
CA MET A 810 -8.20 32.46 34.55
C MET A 810 -7.79 31.00 34.63
N THR A 811 -8.37 30.22 35.55
CA THR A 811 -8.03 28.80 35.62
C THR A 811 -8.47 28.06 34.35
N PHE A 812 -9.65 28.40 33.83
CA PHE A 812 -10.11 27.76 32.60
C PHE A 812 -9.19 28.08 31.43
N THR A 813 -8.81 29.35 31.27
CA THR A 813 -7.91 29.70 30.18
C THR A 813 -6.50 29.14 30.37
N CYS A 814 -6.04 29.01 31.62
CA CYS A 814 -4.76 28.37 31.87
C CYS A 814 -4.80 26.89 31.52
N PHE A 815 -5.91 26.22 31.85
CA PHE A 815 -6.07 24.82 31.46
C PHE A 815 -6.13 24.67 29.95
N VAL A 816 -6.80 25.59 29.26
CA VAL A 816 -6.86 25.55 27.80
C VAL A 816 -5.46 25.72 27.21
N PHE A 817 -4.68 26.67 27.73
CA PHE A 817 -3.32 26.88 27.26
C PHE A 817 -2.44 25.65 27.54
N PHE A 818 -2.61 25.04 28.72
CA PHE A 818 -1.85 23.85 29.05
C PHE A 818 -2.19 22.69 28.11
N ASP A 819 -3.47 22.52 27.80
CA ASP A 819 -3.87 21.48 26.86
C ASP A 819 -3.29 21.75 25.47
N MET A 820 -3.30 23.01 25.03
CA MET A 820 -2.73 23.33 23.73
C MET A 820 -1.23 23.06 23.70
N PHE A 821 -0.52 23.42 24.77
CA PHE A 821 0.92 23.15 24.82
C PHE A 821 1.22 21.66 24.89
N ASN A 822 0.41 20.90 25.62
CA ASN A 822 0.58 19.45 25.65
C ASN A 822 0.35 18.84 24.27
N ALA A 823 -0.66 19.34 23.54
CA ALA A 823 -0.86 18.89 22.17
C ALA A 823 0.33 19.24 21.29
N LEU A 824 0.90 20.43 21.47
CA LEU A 824 2.10 20.80 20.72
C LEU A 824 3.27 19.88 21.05
N SER A 825 3.43 19.53 22.33
CA SER A 825 4.55 18.71 22.75
C SER A 825 4.37 17.25 22.38
N SER A 826 3.12 16.76 22.34
CA SER A 826 2.84 15.34 22.09
C SER A 826 2.77 15.02 20.60
N ARG A 827 3.35 15.85 19.74
CA ARG A 827 3.34 15.56 18.31
C ARG A 827 4.23 14.36 17.98
N SER A 828 5.35 14.20 18.70
CA SER A 828 6.26 13.09 18.50
C SER A 828 6.80 12.62 19.83
N GLN A 829 7.18 11.35 19.90
CA GLN A 829 7.69 10.76 21.13
C GLN A 829 9.21 10.78 21.21
N THR A 830 9.90 10.57 20.09
CA THR A 830 11.36 10.51 20.07
C THR A 830 12.02 11.74 19.46
N LYS A 831 11.27 12.57 18.72
CA LYS A 831 11.81 13.76 18.08
C LYS A 831 11.15 15.00 18.66
N SER A 832 11.95 16.03 18.89
CA SER A 832 11.43 17.29 19.40
C SER A 832 10.64 18.02 18.32
N VAL A 833 9.79 18.96 18.76
CA VAL A 833 8.98 19.73 17.83
C VAL A 833 9.82 20.63 16.95
N PHE A 834 11.05 20.97 17.36
CA PHE A 834 11.92 21.80 16.55
C PHE A 834 12.42 21.07 15.31
N GLU A 835 12.71 19.78 15.42
CA GLU A 835 13.19 19.02 14.27
C GLU A 835 12.15 18.94 13.17
N ILE A 836 10.89 18.69 13.54
CA ILE A 836 9.83 18.63 12.54
C ILE A 836 9.35 20.01 12.11
N GLY A 837 9.72 21.05 12.86
CA GLY A 837 9.34 22.40 12.52
C GLY A 837 8.09 22.86 13.28
N LEU A 838 8.04 24.17 13.55
CA LEU A 838 6.90 24.73 14.25
C LEU A 838 5.63 24.62 13.40
N CYS A 839 5.75 24.85 12.10
CA CYS A 839 4.61 24.79 11.17
C CYS A 839 4.88 23.64 10.19
N SER A 840 4.45 22.44 10.57
CA SER A 840 4.58 21.26 9.72
C SER A 840 3.23 20.80 9.17
N ASN A 841 2.24 20.62 10.05
CA ASN A 841 0.89 20.26 9.62
C ASN A 841 0.06 21.53 9.53
N ARG A 842 -0.36 21.88 8.31
CA ARG A 842 -1.12 23.10 8.10
C ARG A 842 -2.46 23.05 8.81
N MET A 843 -3.15 21.90 8.74
CA MET A 843 -4.45 21.78 9.37
C MET A 843 -4.36 21.76 10.89
N PHE A 844 -3.27 21.23 11.45
CA PHE A 844 -3.05 21.34 12.88
C PHE A 844 -2.93 22.80 13.32
N CYS A 845 -2.17 23.59 12.56
CA CYS A 845 -2.06 25.02 12.86
C CYS A 845 -3.38 25.74 12.70
N TYR A 846 -4.17 25.36 11.67
CA TYR A 846 -5.49 25.96 11.50
C TYR A 846 -6.39 25.64 12.68
N ALA A 847 -6.36 24.39 13.16
CA ALA A 847 -7.16 24.02 14.32
C ALA A 847 -6.71 24.76 15.57
N VAL A 848 -5.39 24.94 15.75
CA VAL A 848 -4.89 25.68 16.90
C VAL A 848 -5.36 27.13 16.84
N LEU A 849 -5.28 27.75 15.66
CA LEU A 849 -5.74 29.14 15.51
C LEU A 849 -7.24 29.25 15.76
N GLY A 850 -8.02 28.27 15.27
CA GLY A 850 -9.45 28.29 15.53
C GLY A 850 -9.78 28.14 17.00
N SER A 851 -9.04 27.27 17.70
CA SER A 851 -9.24 27.12 19.14
C SER A 851 -8.90 28.41 19.89
N ILE A 852 -7.81 29.08 19.48
CA ILE A 852 -7.43 30.34 20.11
C ILE A 852 -8.51 31.39 19.87
N MET A 853 -9.03 31.46 18.64
CA MET A 853 -10.09 32.41 18.33
C MET A 853 -11.35 32.12 19.13
N GLY A 854 -11.71 30.84 19.26
CA GLY A 854 -12.86 30.48 20.06
C GLY A 854 -12.69 30.82 21.53
N GLN A 855 -11.50 30.59 22.08
CA GLN A 855 -11.24 30.96 23.46
C GLN A 855 -11.34 32.47 23.66
N LEU A 856 -10.78 33.24 22.73
CA LEU A 856 -10.89 34.70 22.80
C LEU A 856 -12.34 35.17 22.70
N LEU A 857 -13.11 34.57 21.80
CA LEU A 857 -14.53 34.93 21.69
C LEU A 857 -15.28 34.59 22.97
N VAL A 858 -14.99 33.44 23.58
CA VAL A 858 -15.64 33.07 24.83
C VAL A 858 -15.28 34.07 25.93
N ILE A 859 -14.01 34.47 26.00
CA ILE A 859 -13.58 35.34 27.09
C ILE A 859 -14.13 36.75 26.91
N TYR A 860 -14.16 37.27 25.69
CA TYR A 860 -14.46 38.68 25.47
C TYR A 860 -15.91 38.96 25.08
N PHE A 861 -16.59 38.05 24.38
CA PHE A 861 -17.92 38.37 23.88
C PHE A 861 -18.92 38.41 25.04
N PRO A 862 -19.66 39.51 25.20
CA PRO A 862 -20.62 39.62 26.31
C PRO A 862 -21.66 38.50 26.31
N PRO A 863 -22.19 38.09 25.14
CA PRO A 863 -23.05 36.88 25.17
C PRO A 863 -22.31 35.65 25.64
N LEU A 864 -21.11 35.40 25.12
CA LEU A 864 -20.31 34.28 25.60
C LEU A 864 -19.88 34.48 27.05
N GLN A 865 -19.67 35.74 27.46
CA GLN A 865 -19.35 36.01 28.86
C GLN A 865 -20.51 35.60 29.77
N LYS A 866 -21.74 35.93 29.38
CA LYS A 866 -22.89 35.52 30.17
C LYS A 866 -23.11 34.01 30.12
N VAL A 867 -22.87 33.38 28.97
CA VAL A 867 -23.09 31.95 28.84
C VAL A 867 -22.09 31.17 29.70
N PHE A 868 -20.80 31.51 29.60
CA PHE A 868 -19.76 30.77 30.27
C PHE A 868 -19.37 31.36 31.63
N GLN A 869 -20.04 32.42 32.07
CA GLN A 869 -19.70 33.12 33.31
C GLN A 869 -18.24 33.55 33.30
N THR A 870 -17.92 34.38 32.31
CA THR A 870 -16.55 34.78 32.03
C THR A 870 -16.39 36.28 32.28
N GLU A 871 -15.23 36.65 32.84
CA GLU A 871 -14.86 38.04 33.06
C GLU A 871 -13.64 38.38 32.22
N SER A 872 -13.69 39.53 31.56
CA SER A 872 -12.61 39.92 30.66
C SER A 872 -11.30 40.11 31.43
N LEU A 873 -10.23 39.56 30.88
CA LEU A 873 -8.90 39.67 31.48
C LEU A 873 -8.16 40.86 30.89
N SER A 874 -6.87 40.97 31.16
CA SER A 874 -6.03 42.04 30.66
C SER A 874 -4.82 41.45 29.94
N ILE A 875 -3.99 42.34 29.39
CA ILE A 875 -2.83 41.90 28.62
C ILE A 875 -1.78 41.30 29.54
N LEU A 876 -1.56 41.90 30.71
CA LEU A 876 -0.54 41.41 31.63
C LEU A 876 -0.87 40.01 32.13
N ASP A 877 -2.12 39.76 32.49
CA ASP A 877 -2.52 38.44 32.95
C ASP A 877 -2.36 37.40 31.84
N LEU A 878 -2.73 37.75 30.61
CA LEU A 878 -2.56 36.83 29.50
C LEU A 878 -1.09 36.52 29.25
N LEU A 879 -0.23 37.53 29.32
CA LEU A 879 1.21 37.30 29.15
C LEU A 879 1.76 36.40 30.26
N PHE A 880 1.34 36.64 31.50
CA PHE A 880 1.78 35.80 32.61
C PHE A 880 1.32 34.36 32.42
N LEU A 881 0.08 34.17 31.99
CA LEU A 881 -0.43 32.82 31.75
C LEU A 881 0.33 32.13 30.62
N LEU A 882 0.63 32.87 29.55
CA LEU A 882 1.41 32.29 28.46
C LEU A 882 2.81 31.91 28.90
N GLY A 883 3.43 32.75 29.73
CA GLY A 883 4.75 32.40 30.26
C GLY A 883 4.70 31.20 31.19
N LEU A 884 3.64 31.08 31.99
CA LEU A 884 3.54 29.98 32.94
C LEU A 884 3.19 28.67 32.25
N THR A 885 2.37 28.72 31.20
CA THR A 885 1.91 27.50 30.55
C THR A 885 3.02 26.80 29.76
N SER A 886 4.18 27.43 29.59
CA SER A 886 5.28 26.82 28.87
C SER A 886 6.13 25.90 29.75
N SER A 887 5.79 25.77 31.03
CA SER A 887 6.59 24.95 31.94
C SER A 887 6.51 23.46 31.65
N VAL A 888 5.57 23.03 30.80
CA VAL A 888 5.43 21.62 30.45
C VAL A 888 6.09 21.30 29.13
N CYS A 889 5.91 22.18 28.13
CA CYS A 889 6.50 21.93 26.81
C CYS A 889 8.02 21.89 26.87
N ILE A 890 8.63 22.83 27.59
CA ILE A 890 10.09 22.84 27.66
C ILE A 890 10.61 21.64 28.45
N VAL A 891 9.89 21.22 29.50
CA VAL A 891 10.30 20.05 30.26
C VAL A 891 10.24 18.80 29.39
N ALA A 892 9.15 18.64 28.63
CA ALA A 892 9.04 17.49 27.74
C ALA A 892 10.12 17.52 26.66
N GLU A 893 10.40 18.72 26.11
CA GLU A 893 11.43 18.82 25.08
C GLU A 893 12.80 18.45 25.62
N ILE A 894 13.16 18.95 26.81
CA ILE A 894 14.47 18.63 27.35
C ILE A 894 14.56 17.17 27.76
N ILE A 895 13.45 16.58 28.23
CA ILE A 895 13.45 15.16 28.56
C ILE A 895 13.68 14.33 27.31
N LYS A 896 12.98 14.66 26.22
CA LYS A 896 13.18 13.96 24.96
C LYS A 896 14.59 14.13 24.43
N LYS A 897 15.14 15.34 24.54
CA LYS A 897 16.51 15.60 24.11
C LYS A 897 17.50 14.76 24.90
N VAL A 898 17.32 14.69 26.23
CA VAL A 898 18.20 13.88 27.06
C VAL A 898 18.10 12.41 26.68
N GLU A 899 16.87 11.93 26.44
CA GLU A 899 16.69 10.53 26.07
C GLU A 899 17.38 10.21 24.75
N ARG A 900 17.20 11.05 23.74
CA ARG A 900 17.81 10.75 22.44
C ARG A 900 19.33 10.93 22.49
N SER A 901 19.83 11.89 23.28
CA SER A 901 21.27 12.03 23.43
C SER A 901 21.87 10.81 24.12
N ARG A 902 21.20 10.30 25.16
CA ARG A 902 21.68 9.08 25.82
C ARG A 902 21.66 7.90 24.87
N GLU A 903 20.60 7.77 24.07
CA GLU A 903 20.53 6.67 23.10
C GLU A 903 21.64 6.78 22.07
N LYS A 904 21.91 7.99 21.56
CA LYS A 904 22.97 8.18 20.59
C LYS A 904 24.33 7.88 21.19
N ILE A 905 24.56 8.30 22.44
CA ILE A 905 25.83 8.02 23.10
C ILE A 905 26.01 6.52 23.29
N GLN A 906 24.96 5.83 23.73
CA GLN A 906 25.05 4.38 23.91
C GLN A 906 25.30 3.66 22.59
N LYS A 907 24.66 4.10 21.51
CA LYS A 907 24.92 3.51 20.20
C LYS A 907 26.34 3.77 19.74
N HIS A 908 26.85 4.98 19.95
CA HIS A 908 28.21 5.32 19.52
C HIS A 908 29.26 4.51 20.29
N VAL A 909 29.07 4.37 21.60
CA VAL A 909 30.04 3.63 22.40
C VAL A 909 29.88 2.12 22.29
N SER A 910 28.82 1.64 21.65
CA SER A 910 28.60 0.21 21.47
C SER A 910 29.54 -0.36 20.42
#